data_6R1I
#
_entry.id   6R1I
#
_cell.length_a   170.448
_cell.length_b   170.448
_cell.length_c   231.339
_cell.angle_alpha   90.00
_cell.angle_beta   90.00
_cell.angle_gamma   120.00
#
_symmetry.space_group_name_H-M   'P 61 2 2'
#
loop_
_entity.id
_entity.type
_entity.pdbx_description
1 polymer 'Genome polyprotein'
2 water water
#
_entity_poly.entity_id   1
_entity_poly.type   'polypeptide(L)'
_entity_poly.pdbx_seq_one_letter_code
;SIIIPGPNIVPGVNVNRKSKLGRSPAFGAFPVKKQPAVLTQKDDRLEDGIRLDDQLFLKHNKGDMDESWPGLEAAADLYF
SKFPTMIHTLTMAAAINGTPNLEGIDMNQAAGYPWNTMGRSRRSLFVQQNGIWLPLPELEAEINKTLEDPYYFYSTFLKD
ELRPTSKVTLGLTRVVEAAPIHAIIAGRMLLGGLIEYMQANPGKHGSAVGCNPDLHWTKFFFKFCHYPQVFDLDYKCFDA
TLPSCAFRIVEKHLERLIGDERVTRYIETIRHSRHVFGNETYEMIGGNPSGCVGTSIINTIINNICVLSALIQHPDFSPE
SFRILAYGDDVIYGCDPPIHPSFIKEFYDRYTPLVVTPANKTDTFPENSTIYDVTFLKRWFVPDDIRPFYIHPVMDPDTY
EQSVMWLRDGDFQDLVTSLCYLAFHSGPKTYDRWCTRVRDQVMKTTGFPPTFLPYSYLQTRWLNLLAA
;
_entity_poly.pdbx_strand_id   A,B
#
# COMPACT_ATOMS: atom_id res chain seq x y z
N SER A 1 18.11 15.29 -18.87
CA SER A 1 18.08 15.24 -17.41
C SER A 1 18.53 16.57 -16.81
N ILE A 2 18.33 16.73 -15.51
CA ILE A 2 18.85 17.86 -14.75
C ILE A 2 19.74 17.31 -13.64
N ILE A 3 20.97 17.79 -13.56
CA ILE A 3 21.92 17.39 -12.52
C ILE A 3 21.97 18.48 -11.46
N ILE A 4 21.79 18.08 -10.20
CA ILE A 4 21.89 18.99 -9.06
C ILE A 4 23.00 18.47 -8.16
N PRO A 5 24.18 19.09 -8.19
CA PRO A 5 25.29 18.62 -7.33
C PRO A 5 24.93 18.76 -5.86
N GLY A 6 25.41 17.82 -5.06
CA GLY A 6 25.15 17.82 -3.64
C GLY A 6 26.42 17.85 -2.81
N PRO A 7 26.25 17.78 -1.48
CA PRO A 7 27.41 17.77 -0.59
C PRO A 7 28.28 16.54 -0.74
N ASN A 8 29.57 16.71 -0.48
CA ASN A 8 30.48 15.58 -0.41
C ASN A 8 30.16 14.73 0.83
N ILE A 9 30.48 13.44 0.72
CA ILE A 9 30.25 12.48 1.80
C ILE A 9 31.56 11.81 2.15
N VAL A 10 31.76 11.56 3.44
CA VAL A 10 32.91 10.79 3.91
C VAL A 10 32.42 9.71 4.87
N PRO A 11 32.86 8.45 4.73
CA PRO A 11 33.69 7.88 3.66
C PRO A 11 32.98 7.86 2.30
N GLY A 12 33.74 7.98 1.22
CA GLY A 12 33.19 7.87 -0.12
C GLY A 12 33.29 6.45 -0.65
N VAL A 13 32.96 6.30 -1.93
CA VAL A 13 33.02 5.02 -2.61
C VAL A 13 34.32 4.96 -3.41
N ASN A 14 35.04 3.84 -3.30
CA ASN A 14 36.26 3.66 -4.07
C ASN A 14 35.90 3.40 -5.53
N VAL A 15 36.26 4.34 -6.40
CA VAL A 15 35.99 4.21 -7.83
C VAL A 15 37.07 3.36 -8.48
N ASN A 16 36.67 2.47 -9.38
CA ASN A 16 37.65 1.70 -10.13
C ASN A 16 38.44 2.63 -11.05
N ARG A 17 39.77 2.48 -11.03
CA ARG A 17 40.64 3.29 -11.88
C ARG A 17 41.65 2.45 -12.63
N LYS A 18 41.62 1.13 -12.47
CA LYS A 18 42.56 0.21 -13.12
C LYS A 18 41.77 -0.79 -13.95
N SER A 19 42.06 -0.84 -15.24
CA SER A 19 41.37 -1.77 -16.14
C SER A 19 41.82 -3.20 -15.87
N LYS A 20 40.88 -4.14 -16.02
CA LYS A 20 41.23 -5.56 -16.04
C LYS A 20 41.56 -6.05 -17.45
N LEU A 21 41.26 -5.26 -18.47
CA LEU A 21 41.58 -5.67 -19.83
C LEU A 21 43.07 -5.62 -20.11
N GLY A 22 43.55 -6.58 -20.87
CA GLY A 22 44.91 -6.57 -21.39
C GLY A 22 44.92 -7.31 -22.70
N ARG A 23 45.97 -7.08 -23.49
CA ARG A 23 46.06 -7.72 -24.79
C ARG A 23 46.12 -9.24 -24.64
N SER A 24 45.33 -9.93 -25.45
CA SER A 24 45.27 -11.38 -25.47
C SER A 24 46.35 -11.94 -26.38
N PRO A 25 46.59 -13.26 -26.32
CA PRO A 25 47.52 -13.87 -27.28
C PRO A 25 47.12 -13.68 -28.72
N ALA A 26 45.83 -13.45 -29.00
CA ALA A 26 45.34 -13.23 -30.35
C ALA A 26 45.44 -11.77 -30.80
N PHE A 27 46.04 -10.89 -30.00
CA PHE A 27 46.15 -9.49 -30.39
C PHE A 27 46.88 -9.35 -31.71
N GLY A 28 46.35 -8.52 -32.61
CA GLY A 28 46.87 -8.37 -33.95
C GLY A 28 46.28 -9.32 -34.98
N ALA A 29 45.39 -10.24 -34.57
CA ALA A 29 44.79 -11.16 -35.54
C ALA A 29 43.92 -10.42 -36.55
N PHE A 30 43.37 -9.28 -36.15
CA PHE A 30 42.55 -8.41 -36.97
C PHE A 30 43.07 -7.00 -36.79
N PRO A 31 42.77 -6.09 -37.72
CA PRO A 31 43.22 -4.71 -37.55
C PRO A 31 42.65 -4.12 -36.27
N VAL A 32 43.48 -3.33 -35.58
CA VAL A 32 43.15 -2.88 -34.23
C VAL A 32 42.27 -1.64 -34.32
N LYS A 33 40.99 -1.78 -33.96
CA LYS A 33 40.06 -0.67 -33.97
C LYS A 33 39.62 -0.20 -32.59
N LYS A 34 39.97 -0.93 -31.53
CA LYS A 34 39.48 -0.61 -30.19
C LYS A 34 40.57 -0.81 -29.15
N GLN A 35 40.46 -0.06 -28.07
CA GLN A 35 41.31 -0.13 -26.90
C GLN A 35 40.45 0.01 -25.66
N PRO A 36 40.92 -0.45 -24.50
CA PRO A 36 40.14 -0.25 -23.28
C PRO A 36 39.94 1.23 -22.98
N ALA A 37 38.77 1.54 -22.43
CA ALA A 37 38.41 2.91 -22.11
C ALA A 37 39.34 3.48 -21.06
N VAL A 38 39.56 4.80 -21.13
CA VAL A 38 40.37 5.49 -20.14
C VAL A 38 39.62 5.53 -18.81
N LEU A 39 40.25 4.99 -17.76
CA LEU A 39 39.61 4.96 -16.46
C LEU A 39 40.22 5.95 -15.47
N THR A 40 41.34 6.59 -15.79
CA THR A 40 41.99 7.48 -14.85
C THR A 40 42.55 8.70 -15.60
N GLN A 41 42.66 9.82 -14.87
CA GLN A 41 43.11 11.06 -15.49
C GLN A 41 44.55 10.98 -15.98
N LYS A 42 45.38 10.16 -15.35
CA LYS A 42 46.78 10.09 -15.69
C LYS A 42 47.09 9.17 -16.86
N ASP A 43 46.07 8.56 -17.46
CA ASP A 43 46.30 7.68 -18.61
C ASP A 43 46.98 8.47 -19.73
N ASP A 44 48.08 7.91 -20.25
CA ASP A 44 48.86 8.61 -21.27
C ASP A 44 48.15 8.65 -22.61
N ARG A 45 47.19 7.75 -22.84
CA ARG A 45 46.44 7.77 -24.10
C ARG A 45 45.46 8.94 -24.17
N LEU A 46 45.12 9.52 -23.03
CA LEU A 46 44.20 10.64 -23.00
C LEU A 46 44.82 11.87 -23.65
N GLU A 47 44.03 12.57 -24.46
CA GLU A 47 44.50 13.81 -25.07
C GLU A 47 44.78 14.83 -23.97
N ASP A 48 45.84 15.63 -24.17
CA ASP A 48 46.41 16.41 -23.07
C ASP A 48 45.45 17.45 -22.50
N GLY A 49 44.55 18.00 -23.31
CA GLY A 49 43.67 19.03 -22.79
C GLY A 49 42.40 18.57 -22.12
N ILE A 50 42.13 17.26 -22.06
CA ILE A 50 40.84 16.73 -21.64
C ILE A 50 40.86 16.29 -20.19
N ARG A 51 39.82 16.67 -19.46
CA ARG A 51 39.55 16.18 -18.10
C ARG A 51 38.59 15.01 -18.19
N LEU A 52 39.02 13.85 -17.66
CA LEU A 52 38.26 12.62 -17.86
C LEU A 52 36.89 12.70 -17.19
N ASP A 53 36.85 13.13 -15.93
CA ASP A 53 35.59 13.11 -15.19
C ASP A 53 34.56 14.08 -15.76
N ASP A 54 34.99 15.14 -16.44
CA ASP A 54 34.03 16.02 -17.12
C ASP A 54 33.36 15.33 -18.30
N GLN A 55 34.06 14.40 -18.97
CA GLN A 55 33.50 13.73 -20.14
C GLN A 55 32.38 12.77 -19.79
N LEU A 56 32.33 12.28 -18.55
CA LEU A 56 31.38 11.23 -18.18
C LEU A 56 29.93 11.67 -18.23
N PHE A 57 29.65 12.97 -18.10
CA PHE A 57 28.29 13.46 -17.94
C PHE A 57 27.90 14.44 -19.04
N LEU A 58 28.53 14.35 -20.22
CA LEU A 58 28.24 15.30 -21.29
C LEU A 58 26.78 15.21 -21.76
N LYS A 59 26.19 14.03 -21.74
CA LYS A 59 24.80 13.88 -22.18
C LYS A 59 23.80 14.46 -21.18
N HIS A 60 24.20 14.61 -19.92
CA HIS A 60 23.30 15.01 -18.85
C HIS A 60 23.23 16.52 -18.71
N ASN A 61 22.26 16.96 -17.90
CA ASN A 61 22.05 18.36 -17.51
C ASN A 61 21.57 19.23 -18.66
N LYS A 62 21.05 18.64 -19.74
CA LYS A 62 20.50 19.42 -20.83
C LYS A 62 19.05 19.84 -20.60
N GLY A 63 18.39 19.32 -19.57
CA GLY A 63 17.02 19.67 -19.28
C GLY A 63 16.14 18.46 -19.05
N ASP A 64 14.95 18.73 -18.52
CA ASP A 64 13.97 17.71 -18.23
C ASP A 64 12.58 18.28 -18.52
N MET A 65 11.67 17.42 -18.98
CA MET A 65 10.34 17.83 -19.39
C MET A 65 9.32 17.20 -18.45
N ASP A 66 8.51 18.04 -17.81
CA ASP A 66 7.53 17.60 -16.83
C ASP A 66 6.12 17.47 -17.39
N GLU A 67 5.81 18.15 -18.48
CA GLU A 67 4.49 18.12 -19.08
C GLU A 67 4.46 17.14 -20.25
N SER A 68 3.36 16.41 -20.35
CA SER A 68 3.22 15.45 -21.44
C SER A 68 3.04 16.18 -22.77
N TRP A 69 3.68 15.67 -23.82
CA TRP A 69 3.44 16.11 -25.17
C TRP A 69 2.20 15.42 -25.74
N PRO A 70 1.60 15.97 -26.80
CA PRO A 70 0.33 15.39 -27.28
C PRO A 70 0.50 13.94 -27.71
N GLY A 71 -0.52 13.13 -27.40
CA GLY A 71 -0.54 11.73 -27.74
C GLY A 71 0.17 10.81 -26.76
N LEU A 72 0.93 11.36 -25.80
CA LEU A 72 1.67 10.52 -24.87
C LEU A 72 0.74 9.78 -23.93
N GLU A 73 -0.21 10.49 -23.31
CA GLU A 73 -1.15 9.82 -22.42
C GLU A 73 -2.06 8.87 -23.17
N ALA A 74 -2.43 9.20 -24.42
CA ALA A 74 -3.27 8.31 -25.21
C ALA A 74 -2.51 7.07 -25.64
N ALA A 75 -1.23 7.22 -26.02
CA ALA A 75 -0.44 6.07 -26.41
C ALA A 75 -0.22 5.13 -25.24
N ALA A 76 -0.05 5.68 -24.03
CA ALA A 76 0.14 4.83 -22.85
C ALA A 76 -1.13 4.06 -22.52
N ASP A 77 -2.29 4.70 -22.68
CA ASP A 77 -3.55 3.99 -22.46
C ASP A 77 -3.70 2.86 -23.47
N LEU A 78 -3.28 3.08 -24.71
CA LEU A 78 -3.36 2.03 -25.73
C LEU A 78 -2.39 0.89 -25.43
N TYR A 79 -1.18 1.24 -25.01
CA TYR A 79 -0.15 0.23 -24.74
C TYR A 79 -0.53 -0.66 -23.56
N PHE A 80 -1.01 -0.04 -22.46
CA PHE A 80 -1.31 -0.77 -21.24
C PHE A 80 -2.65 -1.48 -21.29
N SER A 81 -3.50 -1.19 -22.29
CA SER A 81 -4.79 -1.87 -22.39
C SER A 81 -4.64 -3.37 -22.64
N LYS A 82 -3.52 -3.81 -23.22
CA LYS A 82 -3.28 -5.21 -23.51
C LYS A 82 -2.71 -5.99 -22.33
N PHE A 83 -2.35 -5.32 -21.25
CA PHE A 83 -1.81 -5.94 -20.05
C PHE A 83 -2.92 -6.62 -19.24
N PRO A 84 -2.56 -7.62 -18.43
CA PRO A 84 -3.54 -8.18 -17.50
C PRO A 84 -4.01 -7.10 -16.54
N THR A 85 -5.26 -7.20 -16.12
CA THR A 85 -5.82 -6.13 -15.31
C THR A 85 -5.39 -6.20 -13.85
N MET A 86 -4.66 -7.25 -13.46
CA MET A 86 -4.13 -7.38 -12.10
C MET A 86 -2.77 -8.07 -12.20
N ILE A 87 -1.71 -7.28 -12.07
CA ILE A 87 -0.35 -7.80 -12.02
C ILE A 87 0.06 -7.98 -10.57
N HIS A 88 0.65 -9.13 -10.25
CA HIS A 88 1.00 -9.49 -8.90
C HIS A 88 2.39 -8.98 -8.51
N THR A 89 2.60 -8.84 -7.21
CA THR A 89 3.91 -8.61 -6.61
C THR A 89 4.61 -9.93 -6.31
N LEU A 90 5.90 -9.85 -6.02
CA LEU A 90 6.67 -11.01 -5.58
C LEU A 90 6.92 -10.94 -4.08
N THR A 91 7.00 -12.12 -3.47
CA THR A 91 7.47 -12.22 -2.09
C THR A 91 8.96 -11.91 -2.02
N MET A 92 9.42 -11.54 -0.82
CA MET A 92 10.84 -11.27 -0.65
C MET A 92 11.69 -12.49 -0.98
N ALA A 93 11.18 -13.69 -0.68
CA ALA A 93 11.93 -14.90 -1.00
C ALA A 93 12.04 -15.12 -2.50
N ALA A 94 10.93 -14.89 -3.23
CA ALA A 94 10.97 -15.02 -4.68
C ALA A 94 11.84 -13.93 -5.31
N ALA A 95 11.83 -12.73 -4.74
CA ALA A 95 12.66 -11.65 -5.27
C ALA A 95 14.14 -11.96 -5.09
N ILE A 96 14.52 -12.66 -4.03
CA ILE A 96 15.92 -12.98 -3.82
C ILE A 96 16.34 -14.21 -4.64
N ASN A 97 15.55 -15.27 -4.58
CA ASN A 97 15.93 -16.55 -5.17
C ASN A 97 15.46 -16.72 -6.61
N GLY A 98 14.59 -15.86 -7.10
CA GLY A 98 14.18 -15.91 -8.49
C GLY A 98 13.00 -16.83 -8.74
N THR A 99 12.52 -16.79 -9.97
CA THR A 99 11.41 -17.59 -10.49
C THR A 99 11.85 -18.19 -11.82
N PRO A 100 11.04 -19.03 -12.46
CA PRO A 100 11.45 -19.55 -13.78
C PRO A 100 11.70 -18.45 -14.80
N ASN A 101 11.01 -17.31 -14.71
CA ASN A 101 11.19 -16.22 -15.66
C ASN A 101 11.82 -14.99 -15.02
N LEU A 102 12.49 -15.14 -13.88
CA LEU A 102 13.30 -14.08 -13.32
C LEU A 102 14.50 -14.71 -12.62
N GLU A 103 15.70 -14.20 -12.89
CA GLU A 103 16.87 -14.88 -12.35
C GLU A 103 17.09 -14.44 -10.92
N GLY A 104 17.74 -15.31 -10.16
CA GLY A 104 17.93 -15.03 -8.75
C GLY A 104 19.00 -13.99 -8.58
N ILE A 105 19.08 -13.42 -7.38
CA ILE A 105 20.07 -12.37 -7.14
C ILE A 105 21.45 -12.95 -7.44
N ASP A 106 22.26 -12.20 -8.19
CA ASP A 106 23.62 -12.60 -8.49
C ASP A 106 24.50 -12.21 -7.30
N MET A 107 24.98 -13.21 -6.57
CA MET A 107 25.69 -12.97 -5.32
C MET A 107 27.10 -12.42 -5.54
N ASN A 108 27.61 -12.47 -6.77
CA ASN A 108 28.97 -12.01 -7.04
C ASN A 108 29.06 -10.52 -7.36
N GLN A 109 27.94 -9.84 -7.59
CA GLN A 109 27.96 -8.41 -7.84
C GLN A 109 28.14 -7.63 -6.54
N ALA A 110 28.60 -6.38 -6.68
CA ALA A 110 28.80 -5.52 -5.53
C ALA A 110 27.47 -5.15 -4.90
N ALA A 111 27.49 -4.94 -3.58
CA ALA A 111 26.28 -4.65 -2.82
C ALA A 111 25.80 -3.21 -2.95
N GLY A 112 26.62 -2.29 -3.44
CA GLY A 112 26.22 -0.91 -3.56
C GLY A 112 26.36 -0.12 -2.26
N TYR A 113 25.94 1.13 -2.32
CA TYR A 113 26.04 2.07 -1.21
C TYR A 113 24.94 1.80 -0.17
N PRO A 114 25.26 1.85 1.13
CA PRO A 114 26.58 2.13 1.70
C PRO A 114 27.37 0.88 2.07
N TRP A 115 26.89 -0.28 1.63
CA TRP A 115 27.54 -1.53 2.02
C TRP A 115 28.97 -1.61 1.52
N ASN A 116 29.26 -1.00 0.36
CA ASN A 116 30.63 -1.03 -0.17
C ASN A 116 31.58 -0.27 0.74
N THR A 117 31.15 0.88 1.28
CA THR A 117 31.99 1.63 2.18
C THR A 117 32.17 0.93 3.52
N MET A 118 31.27 0.03 3.88
CA MET A 118 31.37 -0.75 5.10
C MET A 118 32.16 -2.04 4.92
N GLY A 119 32.65 -2.30 3.71
CA GLY A 119 33.39 -3.54 3.47
C GLY A 119 32.52 -4.78 3.44
N ARG A 120 31.24 -4.64 3.10
CA ARG A 120 30.29 -5.75 3.11
C ARG A 120 29.94 -6.13 1.68
N SER A 121 30.30 -7.35 1.29
CA SER A 121 29.94 -7.92 0.01
C SER A 121 28.47 -8.33 0.01
N ARG A 122 27.93 -8.53 -1.21
CA ARG A 122 26.59 -9.08 -1.33
C ARG A 122 26.47 -10.40 -0.59
N ARG A 123 27.47 -11.28 -0.73
CA ARG A 123 27.38 -12.59 -0.10
C ARG A 123 27.35 -12.49 1.42
N SER A 124 27.98 -11.46 1.99
CA SER A 124 28.01 -11.31 3.43
C SER A 124 26.67 -10.85 4.00
N LEU A 125 25.77 -10.35 3.17
CA LEU A 125 24.46 -9.87 3.61
C LEU A 125 23.38 -10.94 3.58
N PHE A 126 23.72 -12.15 3.13
CA PHE A 126 22.78 -13.25 3.03
C PHE A 126 23.37 -14.49 3.69
N VAL A 127 22.50 -15.44 4.00
CA VAL A 127 22.93 -16.77 4.44
C VAL A 127 22.26 -17.80 3.55
N GLN A 128 23.04 -18.75 3.04
CA GLN A 128 22.52 -19.87 2.25
C GLN A 128 22.28 -21.03 3.18
N GLN A 129 21.10 -21.65 3.04
CA GLN A 129 20.63 -22.51 4.10
C GLN A 129 19.65 -23.47 3.44
N ASN A 130 20.11 -24.70 3.16
CA ASN A 130 19.38 -25.67 2.33
C ASN A 130 19.18 -25.16 0.90
N GLY A 131 20.18 -24.46 0.36
CA GLY A 131 20.14 -24.02 -1.02
C GLY A 131 19.32 -22.79 -1.31
N ILE A 132 18.72 -22.17 -0.29
CA ILE A 132 17.88 -21.00 -0.46
C ILE A 132 18.53 -19.84 0.27
N TRP A 133 18.62 -18.68 -0.39
CA TRP A 133 19.22 -17.52 0.23
C TRP A 133 18.19 -16.80 1.09
N LEU A 134 18.63 -16.36 2.28
CA LEU A 134 17.80 -15.53 3.12
C LEU A 134 18.57 -14.29 3.54
N PRO A 135 17.94 -13.13 3.57
CA PRO A 135 18.62 -11.92 4.03
C PRO A 135 18.99 -11.99 5.50
N LEU A 136 20.14 -11.40 5.83
CA LEU A 136 20.48 -11.17 7.22
C LEU A 136 19.63 -10.02 7.76
N PRO A 137 19.42 -9.96 9.07
CA PRO A 137 18.48 -8.96 9.62
C PRO A 137 18.84 -7.52 9.28
N GLU A 138 20.14 -7.17 9.21
CA GLU A 138 20.49 -5.80 8.87
C GLU A 138 20.09 -5.45 7.44
N LEU A 139 20.12 -6.42 6.54
CA LEU A 139 19.72 -6.16 5.16
C LEU A 139 18.21 -6.30 4.97
N GLU A 140 17.58 -7.21 5.72
CA GLU A 140 16.13 -7.29 5.68
C GLU A 140 15.49 -6.00 6.19
N ALA A 141 16.11 -5.36 7.17
CA ALA A 141 15.57 -4.11 7.68
C ALA A 141 15.62 -3.01 6.64
N GLU A 142 16.72 -2.92 5.88
CA GLU A 142 16.84 -1.92 4.83
C GLU A 142 15.88 -2.17 3.67
N ILE A 143 15.58 -3.45 3.39
CA ILE A 143 14.63 -3.76 2.33
C ILE A 143 13.23 -3.25 2.67
N ASN A 144 12.74 -3.60 3.86
CA ASN A 144 11.41 -3.15 4.27
C ASN A 144 11.36 -1.65 4.38
N LYS A 145 12.47 -1.06 4.81
CA LYS A 145 12.57 0.39 4.90
C LYS A 145 12.49 1.02 3.52
N THR A 146 13.13 0.41 2.52
CA THR A 146 13.06 0.93 1.17
C THR A 146 11.67 0.78 0.56
N LEU A 147 10.96 -0.30 0.91
CA LEU A 147 9.61 -0.47 0.39
C LEU A 147 8.68 0.63 0.89
N GLU A 148 8.80 0.99 2.17
CA GLU A 148 7.87 1.93 2.78
C GLU A 148 8.25 3.38 2.55
N ASP A 149 9.53 3.71 2.74
CA ASP A 149 10.03 5.08 2.62
C ASP A 149 11.39 5.06 1.92
N PRO A 150 11.40 4.83 0.60
CA PRO A 150 12.68 4.65 -0.09
C PRO A 150 13.57 5.88 -0.02
N TYR A 151 14.87 5.62 0.13
CA TYR A 151 15.92 6.64 0.15
C TYR A 151 17.27 5.94 0.08
N TYR A 152 17.94 6.04 -1.07
CA TYR A 152 19.15 5.26 -1.30
C TYR A 152 19.96 5.95 -2.39
N PHE A 153 21.22 5.58 -2.48
CA PHE A 153 22.15 6.16 -3.43
C PHE A 153 22.56 5.11 -4.48
N TYR A 154 22.51 5.49 -5.75
CA TYR A 154 23.24 4.75 -6.77
C TYR A 154 24.74 5.03 -6.65
N SER A 155 25.55 4.02 -6.96
CA SER A 155 26.99 4.16 -6.95
C SER A 155 27.50 4.31 -8.39
N THR A 156 28.18 5.41 -8.67
CA THR A 156 28.69 5.70 -10.01
C THR A 156 30.07 5.09 -10.18
N PHE A 157 30.21 4.25 -11.22
CA PHE A 157 31.50 3.65 -11.58
C PHE A 157 31.76 3.90 -13.05
N LEU A 158 33.01 3.72 -13.45
CA LEU A 158 33.39 3.81 -14.86
C LEU A 158 33.33 2.44 -15.51
N LYS A 159 32.79 2.40 -16.73
CA LYS A 159 32.61 1.12 -17.42
C LYS A 159 33.92 0.67 -18.04
N ASP A 160 34.43 -0.47 -17.57
CA ASP A 160 35.69 -1.04 -18.04
C ASP A 160 35.38 -1.89 -19.27
N GLU A 161 35.62 -1.32 -20.46
CA GLU A 161 35.19 -1.96 -21.70
C GLU A 161 36.05 -1.45 -22.85
N LEU A 162 36.07 -2.24 -23.93
CA LEU A 162 36.69 -1.77 -25.16
C LEU A 162 35.87 -0.63 -25.77
N ARG A 163 36.58 0.38 -26.28
CA ARG A 163 35.96 1.50 -26.96
C ARG A 163 36.67 1.73 -28.29
N PRO A 164 36.00 2.32 -29.26
CA PRO A 164 36.70 2.71 -30.49
C PRO A 164 37.80 3.71 -30.16
N THR A 165 38.92 3.61 -30.89
CA THR A 165 40.14 4.27 -30.47
C THR A 165 39.97 5.78 -30.33
N SER A 166 39.15 6.39 -31.18
CA SER A 166 38.91 7.82 -31.03
C SER A 166 38.22 8.16 -29.72
N LYS A 167 37.35 7.27 -29.23
CA LYS A 167 36.73 7.49 -27.93
C LYS A 167 37.73 7.36 -26.78
N VAL A 168 38.78 6.57 -26.96
CA VAL A 168 39.80 6.44 -25.92
C VAL A 168 40.58 7.74 -25.78
N THR A 169 41.08 8.28 -26.90
CA THR A 169 41.85 9.52 -26.86
C THR A 169 41.03 10.69 -26.35
N LEU A 170 39.73 10.72 -26.65
CA LEU A 170 38.86 11.79 -26.18
C LEU A 170 38.32 11.56 -24.78
N GLY A 171 38.60 10.40 -24.19
CA GLY A 171 38.12 10.14 -22.84
C GLY A 171 36.63 9.89 -22.75
N LEU A 172 35.99 9.48 -23.84
CA LEU A 172 34.53 9.29 -23.86
C LEU A 172 34.20 7.89 -23.34
N THR A 173 34.51 7.69 -22.07
CA THR A 173 34.18 6.42 -21.42
C THR A 173 32.82 6.54 -20.74
N ARG A 174 32.14 5.41 -20.65
CA ARG A 174 30.77 5.39 -20.18
C ARG A 174 30.67 5.04 -18.70
N VAL A 175 29.55 5.42 -18.10
CA VAL A 175 29.31 5.30 -16.67
C VAL A 175 28.42 4.08 -16.42
N VAL A 176 28.70 3.36 -15.34
CA VAL A 176 27.81 2.34 -14.81
C VAL A 176 27.29 2.83 -13.45
N GLU A 177 25.98 2.72 -13.24
CA GLU A 177 25.35 3.13 -11.98
C GLU A 177 24.75 1.91 -11.30
N ALA A 178 25.38 1.47 -10.22
CA ALA A 178 25.00 0.25 -9.52
C ALA A 178 24.01 0.60 -8.41
N ALA A 179 22.83 0.01 -8.48
CA ALA A 179 21.84 0.18 -7.43
C ALA A 179 22.21 -0.66 -6.21
N PRO A 180 21.96 -0.17 -5.00
CA PRO A 180 22.24 -0.97 -3.79
C PRO A 180 21.32 -2.18 -3.69
N ILE A 181 21.84 -3.24 -3.05
CA ILE A 181 21.15 -4.52 -3.06
C ILE A 181 19.80 -4.43 -2.38
N HIS A 182 19.66 -3.61 -1.33
CA HIS A 182 18.36 -3.49 -0.70
C HIS A 182 17.34 -2.79 -1.60
N ALA A 183 17.78 -1.82 -2.39
CA ALA A 183 16.87 -1.20 -3.36
C ALA A 183 16.51 -2.17 -4.48
N ILE A 184 17.42 -3.07 -4.85
CA ILE A 184 17.14 -4.01 -5.92
C ILE A 184 16.08 -5.00 -5.51
N ILE A 185 16.20 -5.56 -4.30
CA ILE A 185 15.24 -6.54 -3.82
C ILE A 185 13.88 -5.89 -3.61
N ALA A 186 13.85 -4.66 -3.10
CA ALA A 186 12.58 -3.98 -2.91
C ALA A 186 11.89 -3.72 -4.25
N GLY A 187 12.67 -3.37 -5.28
CA GLY A 187 12.09 -3.18 -6.60
C GLY A 187 11.62 -4.48 -7.22
N ARG A 188 12.36 -5.57 -6.97
CA ARG A 188 11.92 -6.87 -7.46
C ARG A 188 10.65 -7.34 -6.75
N MET A 189 10.44 -6.94 -5.49
CA MET A 189 9.19 -7.28 -4.82
C MET A 189 8.02 -6.53 -5.44
N LEU A 190 8.19 -5.24 -5.71
CA LEU A 190 7.11 -4.43 -6.25
C LEU A 190 6.87 -4.69 -7.73
N LEU A 191 7.94 -4.78 -8.52
CA LEU A 191 7.83 -4.89 -9.97
C LEU A 191 8.15 -6.27 -10.52
N GLY A 192 8.51 -7.23 -9.67
CA GLY A 192 8.99 -8.50 -10.17
C GLY A 192 7.92 -9.36 -10.81
N GLY A 193 6.66 -9.16 -10.42
CA GLY A 193 5.58 -9.85 -11.11
C GLY A 193 5.39 -9.35 -12.52
N LEU A 194 5.56 -8.04 -12.72
CA LEU A 194 5.55 -7.49 -14.07
C LEU A 194 6.74 -8.00 -14.87
N ILE A 195 7.92 -8.06 -14.26
CA ILE A 195 9.11 -8.57 -14.95
C ILE A 195 8.94 -10.04 -15.29
N GLU A 196 8.41 -10.82 -14.34
CA GLU A 196 8.13 -12.23 -14.57
C GLU A 196 7.20 -12.42 -15.75
N TYR A 197 6.11 -11.64 -15.78
CA TYR A 197 5.10 -11.80 -16.81
C TYR A 197 5.66 -11.44 -18.18
N MET A 198 6.36 -10.31 -18.27
CA MET A 198 6.87 -9.86 -19.56
C MET A 198 7.97 -10.77 -20.09
N GLN A 199 8.89 -11.20 -19.22
CA GLN A 199 9.99 -12.04 -19.67
C GLN A 199 9.55 -13.44 -20.06
N ALA A 200 8.38 -13.90 -19.60
CA ALA A 200 7.89 -15.21 -20.01
C ALA A 200 7.46 -15.25 -21.47
N ASN A 201 7.15 -14.10 -22.09
CA ASN A 201 6.77 -14.04 -23.49
C ASN A 201 7.54 -12.91 -24.17
N PRO A 202 8.81 -13.13 -24.48
CA PRO A 202 9.59 -12.08 -25.17
C PRO A 202 8.95 -11.76 -26.52
N GLY A 203 8.98 -10.47 -26.88
CA GLY A 203 8.33 -9.96 -28.05
C GLY A 203 6.92 -9.46 -27.83
N LYS A 204 6.26 -9.90 -26.76
CA LYS A 204 4.96 -9.35 -26.38
C LYS A 204 5.13 -7.96 -25.77
N HIS A 205 4.12 -7.11 -25.96
CA HIS A 205 4.13 -5.74 -25.44
C HIS A 205 5.37 -4.97 -25.90
N GLY A 206 5.85 -5.25 -27.10
CA GLY A 206 6.95 -4.49 -27.66
C GLY A 206 8.27 -4.63 -26.95
N SER A 207 8.47 -5.73 -26.20
CA SER A 207 9.64 -5.86 -25.34
C SER A 207 10.37 -7.17 -25.65
N ALA A 208 11.67 -7.06 -25.92
CA ALA A 208 12.53 -8.23 -26.09
C ALA A 208 13.28 -8.58 -24.81
N VAL A 209 13.01 -7.88 -23.70
CA VAL A 209 13.77 -8.12 -22.48
C VAL A 209 13.59 -9.57 -22.02
N GLY A 210 14.70 -10.19 -21.64
CA GLY A 210 14.70 -11.58 -21.23
C GLY A 210 14.78 -12.58 -22.37
N CYS A 211 14.96 -12.13 -23.61
CA CYS A 211 14.99 -13.04 -24.74
C CYS A 211 16.33 -13.76 -24.82
N ASN A 212 16.33 -14.90 -25.49
CA ASN A 212 17.55 -15.61 -25.88
C ASN A 212 17.67 -15.51 -27.40
N PRO A 213 18.60 -14.70 -27.92
CA PRO A 213 18.60 -14.44 -29.37
C PRO A 213 18.74 -15.70 -30.21
N ASP A 214 19.48 -16.71 -29.74
CA ASP A 214 19.63 -17.93 -30.51
C ASP A 214 18.28 -18.58 -30.82
N LEU A 215 17.35 -18.52 -29.87
CA LEU A 215 16.04 -19.14 -30.04
C LEU A 215 15.00 -18.15 -30.58
N HIS A 216 14.97 -16.93 -30.07
CA HIS A 216 13.85 -16.03 -30.33
C HIS A 216 13.99 -15.24 -31.63
N TRP A 217 15.16 -15.28 -32.28
CA TRP A 217 15.29 -14.55 -33.54
C TRP A 217 14.35 -15.11 -34.61
N THR A 218 14.13 -16.42 -34.61
CA THR A 218 13.17 -17.00 -35.52
C THR A 218 11.75 -16.53 -35.20
N LYS A 219 11.44 -16.44 -33.91
CA LYS A 219 10.11 -15.97 -33.49
C LYS A 219 9.92 -14.50 -33.85
N PHE A 220 10.91 -13.66 -33.56
CA PHE A 220 10.80 -12.24 -33.87
C PHE A 220 10.71 -12.02 -35.37
N PHE A 221 11.43 -12.82 -36.15
CA PHE A 221 11.48 -12.62 -37.60
C PHE A 221 10.11 -12.83 -38.22
N PHE A 222 9.41 -13.89 -37.83
CA PHE A 222 8.13 -14.18 -38.45
C PHE A 222 7.01 -13.33 -37.92
N LYS A 223 7.21 -12.64 -36.79
CA LYS A 223 6.24 -11.65 -36.37
C LYS A 223 6.43 -10.30 -37.07
N PHE A 224 7.55 -10.11 -37.79
CA PHE A 224 7.78 -8.85 -38.50
C PHE A 224 7.83 -8.98 -40.01
N CYS A 225 8.06 -10.18 -40.55
CA CYS A 225 8.28 -10.32 -41.98
C CYS A 225 7.02 -10.05 -42.79
N HIS A 226 5.85 -10.19 -42.15
CA HIS A 226 4.57 -9.92 -42.78
C HIS A 226 4.37 -8.43 -43.06
N TYR A 227 5.11 -7.57 -42.38
CA TYR A 227 5.13 -6.14 -42.70
C TYR A 227 6.15 -5.92 -43.80
N PRO A 228 5.76 -5.36 -44.95
CA PRO A 228 6.74 -5.17 -46.03
C PRO A 228 7.95 -4.35 -45.63
N GLN A 229 7.78 -3.37 -44.76
CA GLN A 229 8.89 -2.54 -44.29
C GLN A 229 9.06 -2.68 -42.79
N VAL A 230 10.32 -2.75 -42.36
CA VAL A 230 10.70 -2.74 -40.95
C VAL A 230 11.88 -1.79 -40.81
N PHE A 231 11.82 -0.91 -39.82
CA PHE A 231 12.77 0.21 -39.70
C PHE A 231 13.53 0.16 -38.39
N ASP A 232 14.81 0.55 -38.46
CA ASP A 232 15.55 0.94 -37.27
C ASP A 232 15.05 2.30 -36.79
N LEU A 233 15.16 2.54 -35.48
CA LEU A 233 14.90 3.86 -34.91
C LEU A 233 15.93 4.07 -33.80
N ASP A 234 17.09 4.60 -34.15
CA ASP A 234 18.19 4.78 -33.22
C ASP A 234 18.10 6.15 -32.55
N TYR A 235 18.40 6.17 -31.25
CA TYR A 235 18.37 7.37 -30.44
C TYR A 235 19.78 7.87 -30.16
N LYS A 236 19.89 9.17 -29.92
CA LYS A 236 21.07 9.72 -29.26
C LYS A 236 20.72 10.05 -27.81
N CYS A 237 21.59 9.63 -26.90
CA CYS A 237 21.48 9.98 -25.48
C CYS A 237 20.11 9.60 -24.91
N PHE A 238 19.61 8.41 -25.27
CA PHE A 238 18.27 8.02 -24.83
C PHE A 238 18.18 7.98 -23.32
N ASP A 239 19.19 7.45 -22.65
CA ASP A 239 19.14 7.33 -21.20
C ASP A 239 19.11 8.69 -20.52
N ALA A 240 19.83 9.66 -21.08
CA ALA A 240 19.87 11.00 -20.49
C ALA A 240 18.61 11.81 -20.78
N THR A 241 18.00 11.61 -21.95
CA THR A 241 16.86 12.42 -22.36
C THR A 241 15.52 11.92 -21.82
N LEU A 242 15.49 10.82 -21.08
CA LEU A 242 14.20 10.29 -20.65
C LEU A 242 13.51 11.31 -19.75
N PRO A 243 12.29 11.72 -20.09
CA PRO A 243 11.65 12.82 -19.36
C PRO A 243 10.81 12.34 -18.19
N SER A 244 10.68 13.23 -17.20
CA SER A 244 9.89 12.91 -16.02
C SER A 244 8.43 12.66 -16.37
N CYS A 245 7.91 13.32 -17.41
CA CYS A 245 6.51 13.12 -17.77
C CYS A 245 6.24 11.68 -18.18
N ALA A 246 7.20 11.05 -18.85
CA ALA A 246 7.04 9.64 -19.19
C ALA A 246 7.10 8.75 -17.95
N PHE A 247 7.97 9.09 -16.99
CA PHE A 247 8.04 8.31 -15.75
C PHE A 247 6.73 8.39 -14.97
N ARG A 248 6.15 9.59 -14.88
CA ARG A 248 4.92 9.76 -14.12
C ARG A 248 3.76 8.99 -14.75
N ILE A 249 3.72 8.92 -16.09
CA ILE A 249 2.66 8.18 -16.76
C ILE A 249 2.82 6.68 -16.49
N VAL A 250 4.05 6.18 -16.52
CA VAL A 250 4.27 4.76 -16.23
C VAL A 250 3.96 4.46 -14.77
N GLU A 251 4.24 5.41 -13.87
CA GLU A 251 3.91 5.21 -12.46
C GLU A 251 2.40 5.04 -12.28
N LYS A 252 1.61 5.91 -12.93
CA LYS A 252 0.16 5.86 -12.78
C LYS A 252 -0.39 4.52 -13.25
N HIS A 253 0.12 4.01 -14.38
CA HIS A 253 -0.40 2.76 -14.92
C HIS A 253 0.10 1.55 -14.14
N LEU A 254 1.37 1.54 -13.74
CA LEU A 254 1.90 0.41 -13.00
C LEU A 254 1.27 0.32 -11.61
N GLU A 255 0.99 1.46 -10.97
CA GLU A 255 0.30 1.42 -9.68
C GLU A 255 -1.12 0.91 -9.83
N ARG A 256 -1.79 1.27 -10.93
CA ARG A 256 -3.14 0.80 -11.17
C ARG A 256 -3.16 -0.70 -11.42
N LEU A 257 -2.23 -1.18 -12.27
CA LEU A 257 -2.22 -2.60 -12.61
C LEU A 257 -1.76 -3.46 -11.43
N ILE A 258 -0.74 -3.01 -10.70
CA ILE A 258 -0.22 -3.81 -9.60
C ILE A 258 -1.08 -3.63 -8.35
N GLY A 259 -1.78 -2.51 -8.22
CA GLY A 259 -2.64 -2.30 -7.09
C GLY A 259 -1.90 -2.04 -5.79
N ASP A 260 -0.68 -1.50 -5.87
CA ASP A 260 0.12 -1.19 -4.69
C ASP A 260 0.62 0.23 -4.80
N GLU A 261 0.27 1.07 -3.82
CA GLU A 261 0.63 2.47 -3.87
C GLU A 261 2.14 2.68 -3.73
N ARG A 262 2.86 1.68 -3.25
CA ARG A 262 4.29 1.84 -3.04
C ARG A 262 5.09 1.83 -4.34
N VAL A 263 4.51 1.37 -5.46
CA VAL A 263 5.29 1.33 -6.69
C VAL A 263 5.54 2.74 -7.22
N THR A 264 4.65 3.69 -6.91
CA THR A 264 4.86 5.05 -7.39
C THR A 264 6.05 5.69 -6.69
N ARG A 265 6.10 5.60 -5.35
CA ARG A 265 7.24 6.22 -4.68
C ARG A 265 8.54 5.44 -4.86
N TYR A 266 8.46 4.16 -5.23
CA TYR A 266 9.69 3.47 -5.61
C TYR A 266 10.19 3.96 -6.96
N ILE A 267 9.32 4.04 -7.96
CA ILE A 267 9.74 4.52 -9.27
C ILE A 267 10.14 5.98 -9.21
N GLU A 268 9.57 6.73 -8.26
CA GLU A 268 9.99 8.12 -8.09
C GLU A 268 11.46 8.23 -7.72
N THR A 269 12.00 7.22 -7.03
CA THR A 269 13.44 7.23 -6.75
C THR A 269 14.26 6.85 -7.97
N ILE A 270 13.64 6.30 -9.02
CA ILE A 270 14.32 6.12 -10.29
C ILE A 270 14.24 7.39 -11.13
N ARG A 271 13.06 8.01 -11.18
CA ARG A 271 12.89 9.25 -11.94
C ARG A 271 13.72 10.37 -11.35
N HIS A 272 13.76 10.47 -10.03
CA HIS A 272 14.55 11.46 -9.30
C HIS A 272 15.52 10.68 -8.43
N SER A 273 16.67 10.34 -9.00
CA SER A 273 17.63 9.45 -8.38
C SER A 273 18.74 10.23 -7.67
N ARG A 274 19.36 9.56 -6.69
CA ARG A 274 20.50 10.10 -5.96
C ARG A 274 21.70 9.21 -6.21
N HIS A 275 22.88 9.83 -6.30
CA HIS A 275 24.07 9.14 -6.75
C HIS A 275 25.26 9.52 -5.88
N VAL A 276 26.17 8.56 -5.71
CA VAL A 276 27.46 8.78 -5.08
C VAL A 276 28.54 8.45 -6.11
N PHE A 277 29.40 9.42 -6.40
CA PHE A 277 30.52 9.26 -7.33
C PHE A 277 31.79 9.59 -6.56
N GLY A 278 32.49 8.56 -6.11
CA GLY A 278 33.65 8.79 -5.26
C GLY A 278 33.23 9.39 -3.93
N ASN A 279 33.70 10.61 -3.66
CA ASN A 279 33.27 11.36 -2.49
C ASN A 279 32.15 12.35 -2.80
N GLU A 280 31.83 12.56 -4.07
CA GLU A 280 30.80 13.50 -4.49
C GLU A 280 29.42 12.85 -4.57
N THR A 281 28.38 13.66 -4.41
CA THR A 281 27.00 13.22 -4.58
C THR A 281 26.27 14.19 -5.50
N TYR A 282 25.24 13.70 -6.17
CA TYR A 282 24.41 14.54 -7.04
C TYR A 282 23.06 13.87 -7.23
N GLU A 283 22.06 14.69 -7.54
CA GLU A 283 20.74 14.23 -7.94
C GLU A 283 20.59 14.33 -9.46
N MET A 284 19.84 13.38 -10.02
CA MET A 284 19.52 13.36 -11.45
C MET A 284 18.01 13.36 -11.61
N ILE A 285 17.46 14.48 -12.08
CA ILE A 285 16.02 14.63 -12.29
C ILE A 285 15.72 14.32 -13.75
N GLY A 286 14.93 13.27 -13.98
CA GLY A 286 14.81 12.73 -15.32
C GLY A 286 16.02 11.88 -15.62
N GLY A 287 16.01 11.23 -16.78
CA GLY A 287 17.08 10.34 -17.14
C GLY A 287 16.99 9.01 -16.42
N ASN A 288 17.65 8.00 -16.99
CA ASN A 288 17.56 6.65 -16.45
C ASN A 288 18.86 6.22 -15.80
N PRO A 289 18.86 5.96 -14.49
CA PRO A 289 20.07 5.46 -13.80
C PRO A 289 20.43 3.99 -14.06
N SER A 290 19.57 3.19 -14.69
CA SER A 290 19.91 1.80 -15.08
C SER A 290 20.21 0.98 -13.81
N GLY A 291 21.08 -0.02 -13.95
CA GLY A 291 21.47 -0.83 -12.82
C GLY A 291 20.47 -1.87 -12.38
N CYS A 292 19.46 -2.16 -13.20
CA CYS A 292 18.41 -3.07 -12.77
C CYS A 292 17.71 -3.69 -13.98
N VAL A 293 17.23 -4.93 -13.81
CA VAL A 293 16.36 -5.51 -14.83
C VAL A 293 15.04 -4.74 -14.88
N GLY A 294 14.58 -4.23 -13.72
CA GLY A 294 13.33 -3.49 -13.71
C GLY A 294 13.45 -2.18 -14.47
N THR A 295 14.59 -1.50 -14.36
CA THR A 295 14.80 -0.28 -15.14
C THR A 295 14.88 -0.58 -16.63
N SER A 296 15.40 -1.76 -17.00
CA SER A 296 15.38 -2.16 -18.40
C SER A 296 13.96 -2.38 -18.89
N ILE A 297 13.11 -2.93 -18.03
CA ILE A 297 11.69 -3.07 -18.37
C ILE A 297 11.04 -1.70 -18.44
N ILE A 298 11.36 -0.81 -17.49
CA ILE A 298 10.75 0.51 -17.47
C ILE A 298 11.21 1.33 -18.68
N ASN A 299 12.50 1.25 -19.02
CA ASN A 299 12.99 1.96 -20.19
C ASN A 299 12.36 1.43 -21.47
N THR A 300 12.18 0.11 -21.54
CA THR A 300 11.57 -0.49 -22.73
C THR A 300 10.12 -0.07 -22.86
N ILE A 301 9.41 0.00 -21.72
CA ILE A 301 8.02 0.44 -21.75
C ILE A 301 7.94 1.91 -22.16
N ILE A 302 8.84 2.74 -21.62
CA ILE A 302 8.82 4.16 -21.96
C ILE A 302 9.12 4.35 -23.45
N ASN A 303 10.01 3.52 -23.99
CA ASN A 303 10.29 3.61 -25.43
C ASN A 303 9.06 3.23 -26.25
N ASN A 304 8.30 2.23 -25.80
CA ASN A 304 7.08 1.88 -26.52
C ASN A 304 6.05 2.99 -26.45
N ILE A 305 5.94 3.67 -25.31
CA ILE A 305 4.99 4.78 -25.18
C ILE A 305 5.39 5.94 -26.07
N CYS A 306 6.69 6.20 -26.17
CA CYS A 306 7.16 7.36 -26.94
C CYS A 306 7.00 7.12 -28.43
N VAL A 307 7.37 5.93 -28.91
CA VAL A 307 7.22 5.63 -30.33
C VAL A 307 5.74 5.58 -30.71
N LEU A 308 4.90 5.02 -29.83
CA LEU A 308 3.47 4.96 -30.12
C LEU A 308 2.84 6.34 -30.17
N SER A 309 3.32 7.28 -29.35
CA SER A 309 2.75 8.62 -29.37
C SER A 309 2.99 9.32 -30.69
N ALA A 310 4.09 9.00 -31.38
CA ALA A 310 4.30 9.50 -32.73
C ALA A 310 3.49 8.71 -33.75
N LEU A 311 3.39 7.40 -33.58
CA LEU A 311 2.71 6.57 -34.57
C LEU A 311 1.23 6.93 -34.67
N ILE A 312 0.60 7.28 -33.55
CA ILE A 312 -0.84 7.54 -33.58
C ILE A 312 -1.16 8.86 -34.28
N GLN A 313 -0.18 9.77 -34.41
CA GLN A 313 -0.40 11.01 -35.13
C GLN A 313 -0.58 10.78 -36.63
N HIS A 314 -0.09 9.65 -37.15
CA HIS A 314 -0.19 9.38 -38.59
C HIS A 314 -1.61 8.99 -38.94
N PRO A 315 -2.19 9.55 -40.02
CA PRO A 315 -3.56 9.16 -40.42
C PRO A 315 -3.72 7.67 -40.71
N ASP A 316 -2.67 7.02 -41.22
CA ASP A 316 -2.75 5.62 -41.63
C ASP A 316 -2.54 4.64 -40.48
N PHE A 317 -2.24 5.10 -39.28
CA PHE A 317 -1.99 4.20 -38.17
C PHE A 317 -3.23 3.37 -37.86
N SER A 318 -3.02 2.08 -37.54
CA SER A 318 -4.08 1.24 -37.01
C SER A 318 -3.57 0.47 -35.81
N PRO A 319 -4.40 0.33 -34.76
CA PRO A 319 -3.98 -0.46 -33.60
C PRO A 319 -3.65 -1.91 -33.94
N GLU A 320 -4.32 -2.50 -34.93
CA GLU A 320 -4.11 -3.89 -35.31
C GLU A 320 -3.06 -4.07 -36.40
N SER A 321 -2.35 -3.01 -36.78
CA SER A 321 -1.43 -3.06 -37.92
C SER A 321 -0.12 -2.36 -37.59
N PHE A 322 0.43 -2.63 -36.42
CA PHE A 322 1.75 -2.13 -36.05
C PHE A 322 2.40 -3.13 -35.12
N ARG A 323 3.73 -3.14 -35.11
CA ARG A 323 4.47 -3.93 -34.14
C ARG A 323 5.77 -3.21 -33.79
N ILE A 324 6.04 -3.11 -32.50
CA ILE A 324 7.30 -2.57 -31.99
C ILE A 324 8.04 -3.70 -31.30
N LEU A 325 9.38 -3.69 -31.42
CA LEU A 325 10.23 -4.60 -30.66
C LEU A 325 11.38 -3.77 -30.11
N ALA A 326 11.49 -3.72 -28.79
CA ALA A 326 12.43 -2.80 -28.16
C ALA A 326 13.15 -3.48 -27.02
N TYR A 327 14.35 -2.97 -26.72
CA TYR A 327 15.13 -3.38 -25.56
C TYR A 327 15.87 -2.14 -25.10
N GLY A 328 15.31 -1.42 -24.12
CA GLY A 328 15.89 -0.15 -23.75
C GLY A 328 15.78 0.84 -24.90
N ASP A 329 16.92 1.40 -25.30
CA ASP A 329 16.96 2.36 -26.40
C ASP A 329 16.95 1.71 -27.79
N ASP A 330 17.10 0.40 -27.86
CA ASP A 330 17.20 -0.32 -29.14
C ASP A 330 15.79 -0.68 -29.62
N VAL A 331 15.43 -0.21 -30.82
CA VAL A 331 14.07 -0.33 -31.32
C VAL A 331 14.09 -0.71 -32.80
N ILE A 332 13.18 -1.61 -33.19
CA ILE A 332 12.75 -1.76 -34.57
C ILE A 332 11.23 -1.79 -34.56
N TYR A 333 10.62 -1.37 -35.67
CA TYR A 333 9.17 -1.28 -35.73
C TYR A 333 8.71 -1.41 -37.17
N GLY A 334 7.45 -1.79 -37.33
CA GLY A 334 6.83 -1.85 -38.66
C GLY A 334 5.36 -1.56 -38.56
N CYS A 335 4.83 -0.92 -39.61
CA CYS A 335 3.41 -0.62 -39.74
C CYS A 335 2.95 -0.91 -41.16
N ASP A 336 1.70 -1.34 -41.29
CA ASP A 336 1.09 -1.54 -42.61
C ASP A 336 -0.19 -0.71 -42.70
N PRO A 337 -0.24 0.35 -43.53
CA PRO A 337 0.77 0.96 -44.40
C PRO A 337 1.93 1.57 -43.62
N PRO A 338 3.11 1.61 -44.22
CA PRO A 338 4.32 2.02 -43.48
C PRO A 338 4.23 3.46 -42.99
N ILE A 339 4.83 3.69 -41.82
CA ILE A 339 5.02 5.02 -41.26
C ILE A 339 6.53 5.25 -41.16
N HIS A 340 7.03 6.19 -41.97
CA HIS A 340 8.46 6.35 -42.13
C HIS A 340 9.10 6.92 -40.87
N PRO A 341 10.34 6.53 -40.57
CA PRO A 341 11.02 7.09 -39.39
C PRO A 341 11.14 8.61 -39.42
N SER A 342 11.26 9.21 -40.62
CA SER A 342 11.31 10.66 -40.71
C SER A 342 10.04 11.29 -40.16
N PHE A 343 8.91 10.61 -40.29
CA PHE A 343 7.69 11.10 -39.65
C PHE A 343 7.82 11.11 -38.14
N ILE A 344 8.52 10.12 -37.58
CA ILE A 344 8.71 10.07 -36.14
C ILE A 344 9.71 11.13 -35.71
N LYS A 345 10.79 11.31 -36.47
CA LYS A 345 11.77 12.33 -36.13
C LYS A 345 11.17 13.73 -36.18
N GLU A 346 10.23 13.95 -37.12
CA GLU A 346 9.58 15.26 -37.21
C GLU A 346 8.74 15.53 -35.96
N PHE A 347 7.99 14.52 -35.52
CA PHE A 347 7.17 14.69 -34.31
C PHE A 347 8.05 14.80 -33.07
N TYR A 348 9.12 14.01 -33.01
CA TYR A 348 10.01 14.07 -31.85
C TYR A 348 10.67 15.43 -31.75
N ASP A 349 11.12 16.00 -32.88
CA ASP A 349 11.84 17.27 -32.86
C ASP A 349 10.95 18.42 -32.41
N ARG A 350 9.66 18.34 -32.70
CA ARG A 350 8.76 19.46 -32.41
C ARG A 350 8.26 19.44 -30.97
N TYR A 351 7.91 18.27 -30.44
CA TYR A 351 7.20 18.20 -29.17
C TYR A 351 7.98 17.55 -28.03
N THR A 352 9.09 16.88 -28.31
CA THR A 352 9.72 15.99 -27.35
C THR A 352 11.21 16.27 -27.23
N PRO A 353 11.83 15.89 -26.11
CA PRO A 353 13.29 15.91 -26.01
C PRO A 353 13.99 14.70 -26.60
N LEU A 354 13.27 13.75 -27.19
CA LEU A 354 13.92 12.60 -27.81
C LEU A 354 14.65 13.00 -29.09
N VAL A 355 15.82 12.42 -29.29
CA VAL A 355 16.67 12.72 -30.45
C VAL A 355 16.91 11.41 -31.19
N VAL A 356 16.23 11.23 -32.32
CA VAL A 356 16.44 10.07 -33.19
C VAL A 356 17.27 10.51 -34.39
N THR A 357 18.19 9.65 -34.82
CA THR A 357 19.07 9.91 -35.94
C THR A 357 19.15 8.67 -36.82
N PRO A 358 19.40 8.86 -38.12
CA PRO A 358 19.60 7.69 -39.00
C PRO A 358 20.84 6.90 -38.59
N ALA A 359 20.76 5.58 -38.76
CA ALA A 359 21.88 4.71 -38.41
C ALA A 359 23.09 4.97 -39.29
N ASN A 360 22.85 5.43 -40.52
CA ASN A 360 23.92 5.56 -41.50
C ASN A 360 24.76 6.81 -41.28
N LYS A 361 24.27 7.74 -40.45
CA LYS A 361 24.90 9.00 -40.10
C LYS A 361 24.54 10.06 -41.14
N THR A 362 23.68 9.68 -42.08
CA THR A 362 23.16 10.57 -43.12
C THR A 362 22.22 11.59 -42.48
N ASP A 363 21.89 12.64 -43.22
CA ASP A 363 20.95 13.64 -42.73
C ASP A 363 19.52 13.17 -42.92
N THR A 364 19.33 11.97 -43.50
CA THR A 364 18.02 11.42 -43.82
C THR A 364 18.04 9.91 -43.61
N PHE A 365 16.87 9.36 -43.35
CA PHE A 365 16.66 7.94 -43.14
C PHE A 365 16.68 7.18 -44.47
N PRO A 366 17.00 5.88 -44.43
CA PRO A 366 16.93 5.11 -45.68
C PRO A 366 15.51 5.13 -46.23
N GLU A 367 15.42 5.20 -47.56
CA GLU A 367 14.12 5.29 -48.21
C GLU A 367 13.29 4.02 -48.03
N ASN A 368 13.93 2.87 -47.96
CA ASN A 368 13.22 1.62 -47.75
C ASN A 368 14.05 0.71 -46.87
N SER A 369 13.35 -0.09 -46.05
CA SER A 369 14.01 -0.96 -45.09
C SER A 369 13.12 -2.15 -44.82
N THR A 370 13.73 -3.33 -44.76
CA THR A 370 13.04 -4.58 -44.49
C THR A 370 13.63 -5.22 -43.24
N ILE A 371 13.07 -6.37 -42.86
CA ILE A 371 13.60 -7.11 -41.71
C ILE A 371 15.05 -7.52 -41.96
N TYR A 372 15.44 -7.66 -43.23
CA TYR A 372 16.82 -8.01 -43.56
C TYR A 372 17.80 -6.84 -43.42
N ASP A 373 17.32 -5.60 -43.32
CA ASP A 373 18.19 -4.44 -43.19
C ASP A 373 18.40 -3.98 -41.76
N VAL A 374 17.47 -4.28 -40.85
CA VAL A 374 17.50 -3.72 -39.51
C VAL A 374 18.58 -4.40 -38.66
N THR A 375 19.03 -3.69 -37.64
CA THR A 375 19.93 -4.23 -36.62
C THR A 375 19.22 -4.15 -35.27
N PHE A 376 19.26 -5.25 -34.51
CA PHE A 376 18.62 -5.31 -33.21
C PHE A 376 19.50 -6.13 -32.28
N LEU A 377 19.81 -5.57 -31.11
CA LEU A 377 20.76 -6.18 -30.17
C LEU A 377 22.09 -6.50 -30.86
N LYS A 378 22.55 -5.55 -31.69
CA LYS A 378 23.78 -5.67 -32.47
C LYS A 378 23.77 -6.85 -33.43
N ARG A 379 22.59 -7.33 -33.84
CA ARG A 379 22.51 -8.51 -34.69
C ARG A 379 21.59 -8.25 -35.86
N TRP A 380 21.93 -8.85 -37.01
CA TRP A 380 21.04 -8.89 -38.16
C TRP A 380 20.19 -10.16 -38.13
N PHE A 381 19.11 -10.13 -38.92
CA PHE A 381 18.25 -11.30 -39.13
C PHE A 381 18.62 -11.94 -40.46
N VAL A 382 19.21 -13.13 -40.40
CA VAL A 382 19.63 -13.82 -41.63
C VAL A 382 19.10 -15.25 -41.64
N PRO A 383 18.20 -15.59 -42.57
CA PRO A 383 17.69 -16.97 -42.63
C PRO A 383 18.80 -17.96 -42.92
N ASP A 384 18.68 -19.15 -42.33
CA ASP A 384 19.66 -20.21 -42.56
C ASP A 384 19.60 -20.66 -44.01
N ASP A 385 20.78 -20.98 -44.57
CA ASP A 385 20.86 -21.34 -45.97
C ASP A 385 20.11 -22.63 -46.30
N ILE A 386 20.20 -23.62 -45.41
CA ILE A 386 19.60 -24.93 -45.68
C ILE A 386 18.17 -25.02 -45.17
N ARG A 387 17.87 -24.35 -44.06
CA ARG A 387 16.54 -24.38 -43.43
C ARG A 387 16.10 -22.93 -43.26
N PRO A 388 15.52 -22.34 -44.31
CA PRO A 388 15.20 -20.91 -44.28
C PRO A 388 14.19 -20.53 -43.22
N PHE A 389 13.45 -21.48 -42.67
CA PHE A 389 12.50 -21.19 -41.61
C PHE A 389 13.16 -20.98 -40.25
N TYR A 390 14.47 -21.20 -40.14
CA TYR A 390 15.24 -20.83 -38.95
C TYR A 390 16.10 -19.61 -39.26
N ILE A 391 16.14 -18.66 -38.32
CA ILE A 391 16.75 -17.34 -38.55
C ILE A 391 17.96 -17.19 -37.64
N HIS A 392 19.12 -16.93 -38.25
CA HIS A 392 20.37 -16.69 -37.52
C HIS A 392 20.40 -15.27 -36.95
N PRO A 393 20.81 -15.11 -35.69
CA PRO A 393 21.23 -13.78 -35.23
C PRO A 393 22.69 -13.52 -35.59
N VAL A 394 22.94 -12.75 -36.65
CA VAL A 394 24.30 -12.55 -37.14
C VAL A 394 24.86 -11.29 -36.49
N MET A 395 25.84 -11.49 -35.60
CA MET A 395 26.44 -10.37 -34.87
C MET A 395 27.42 -9.60 -35.75
N ASP A 396 27.56 -8.31 -35.45
CA ASP A 396 28.52 -7.46 -36.16
C ASP A 396 29.94 -8.00 -35.97
N PRO A 397 30.69 -8.19 -37.05
CA PRO A 397 32.03 -8.81 -36.91
C PRO A 397 32.97 -8.07 -35.98
N ASP A 398 32.89 -6.74 -35.91
CA ASP A 398 33.82 -5.98 -35.08
C ASP A 398 33.69 -6.33 -33.60
N THR A 399 32.55 -6.86 -33.18
CA THR A 399 32.38 -7.22 -31.77
C THR A 399 33.33 -8.35 -31.37
N TYR A 400 33.16 -9.54 -31.96
CA TYR A 400 33.99 -10.68 -31.56
C TYR A 400 35.39 -10.64 -32.17
N GLU A 401 35.60 -9.89 -33.25
CA GLU A 401 36.96 -9.76 -33.79
C GLU A 401 37.83 -8.93 -32.86
N GLN A 402 37.31 -7.80 -32.38
CA GLN A 402 38.06 -6.97 -31.45
C GLN A 402 38.11 -7.62 -30.07
N SER A 403 37.01 -8.25 -29.65
CA SER A 403 36.95 -8.80 -28.30
C SER A 403 37.95 -9.93 -28.08
N VAL A 404 38.21 -10.74 -29.12
CA VAL A 404 39.12 -11.87 -28.95
C VAL A 404 40.56 -11.40 -28.75
N MET A 405 40.87 -10.16 -29.12
CA MET A 405 42.22 -9.62 -29.01
C MET A 405 42.51 -9.05 -27.63
N TRP A 406 41.54 -9.08 -26.71
CA TRP A 406 41.72 -8.57 -25.35
C TRP A 406 41.16 -9.58 -24.36
N LEU A 407 41.76 -9.62 -23.18
CA LEU A 407 41.41 -10.58 -22.15
C LEU A 407 41.33 -9.91 -20.79
N ARG A 408 40.48 -10.45 -19.94
CA ARG A 408 40.37 -9.97 -18.57
C ARG A 408 41.05 -10.92 -17.59
N ASP A 409 40.34 -11.23 -16.49
CA ASP A 409 40.91 -12.09 -15.48
C ASP A 409 40.71 -13.57 -15.78
N GLY A 410 39.85 -13.89 -16.76
CA GLY A 410 39.57 -15.27 -17.07
C GLY A 410 40.62 -15.94 -17.94
N ASP A 411 40.41 -17.23 -18.15
CA ASP A 411 41.26 -18.02 -19.02
C ASP A 411 40.98 -17.67 -20.49
N PHE A 412 42.04 -17.70 -21.32
CA PHE A 412 41.88 -17.26 -22.70
C PHE A 412 41.03 -18.24 -23.50
N GLN A 413 41.19 -19.55 -23.22
CA GLN A 413 40.40 -20.55 -23.94
C GLN A 413 38.92 -20.41 -23.64
N ASP A 414 38.57 -20.03 -22.40
CA ASP A 414 37.17 -19.82 -22.07
C ASP A 414 36.57 -18.65 -22.84
N LEU A 415 37.38 -17.61 -23.09
CA LEU A 415 36.89 -16.48 -23.87
C LEU A 415 36.68 -16.89 -25.33
N VAL A 416 37.60 -17.68 -25.88
CA VAL A 416 37.47 -18.11 -27.27
C VAL A 416 36.23 -18.97 -27.45
N THR A 417 35.98 -19.88 -26.49
CA THR A 417 34.81 -20.74 -26.60
C THR A 417 33.52 -19.93 -26.54
N SER A 418 33.45 -18.96 -25.64
CA SER A 418 32.25 -18.14 -25.54
C SER A 418 32.02 -17.32 -26.80
N LEU A 419 33.09 -16.86 -27.45
CA LEU A 419 32.92 -16.12 -28.70
C LEU A 419 32.51 -17.01 -29.87
N CYS A 420 32.83 -18.32 -29.81
CA CYS A 420 32.42 -19.22 -30.89
C CYS A 420 30.90 -19.27 -31.03
N TYR A 421 30.17 -19.18 -29.91
CA TYR A 421 28.72 -19.23 -29.97
C TYR A 421 28.13 -18.02 -30.68
N LEU A 422 28.85 -16.88 -30.65
CA LEU A 422 28.38 -15.70 -31.38
C LEU A 422 28.83 -15.73 -32.84
N ALA A 423 30.09 -16.11 -33.09
CA ALA A 423 30.66 -15.96 -34.43
C ALA A 423 30.09 -16.95 -35.44
N PHE A 424 29.69 -18.15 -34.99
CA PHE A 424 29.35 -19.20 -35.95
C PHE A 424 28.08 -18.91 -36.73
N HIS A 425 27.23 -18.00 -36.26
CA HIS A 425 26.02 -17.65 -36.99
C HIS A 425 26.31 -16.93 -38.30
N SER A 426 27.54 -16.47 -38.51
CA SER A 426 27.91 -15.79 -39.75
C SER A 426 28.07 -16.74 -40.93
N GLY A 427 28.05 -18.05 -40.70
CA GLY A 427 28.20 -19.00 -41.77
C GLY A 427 29.51 -19.73 -41.70
N PRO A 428 29.57 -20.94 -42.26
CA PRO A 428 30.79 -21.75 -42.13
C PRO A 428 32.03 -21.08 -42.71
N LYS A 429 31.89 -20.30 -43.78
CA LYS A 429 33.07 -19.69 -44.40
C LYS A 429 33.58 -18.51 -43.60
N THR A 430 32.68 -17.60 -43.17
CA THR A 430 33.10 -16.49 -42.33
C THR A 430 33.58 -16.98 -40.96
N TYR A 431 32.97 -18.06 -40.45
CA TYR A 431 33.39 -18.58 -39.15
C TYR A 431 34.78 -19.19 -39.23
N ASP A 432 35.06 -19.95 -40.29
CA ASP A 432 36.37 -20.56 -40.44
C ASP A 432 37.46 -19.51 -40.62
N ARG A 433 37.16 -18.41 -41.31
CA ARG A 433 38.12 -17.32 -41.41
C ARG A 433 38.46 -16.75 -40.04
N TRP A 434 37.45 -16.55 -39.19
CA TRP A 434 37.70 -15.99 -37.88
C TRP A 434 38.51 -16.96 -37.02
N CYS A 435 38.18 -18.25 -37.05
CA CYS A 435 38.95 -19.22 -36.30
C CYS A 435 40.38 -19.32 -36.83
N THR A 436 40.54 -19.34 -38.16
CA THR A 436 41.88 -19.48 -38.73
C THR A 436 42.76 -18.28 -38.40
N ARG A 437 42.20 -17.06 -38.52
CA ARG A 437 43.01 -15.88 -38.25
C ARG A 437 43.39 -15.79 -36.78
N VAL A 438 42.53 -16.25 -35.87
CA VAL A 438 42.91 -16.29 -34.46
C VAL A 438 43.98 -17.35 -34.23
N ARG A 439 43.83 -18.51 -34.87
CA ARG A 439 44.81 -19.58 -34.68
C ARG A 439 46.20 -19.14 -35.15
N ASP A 440 46.27 -18.44 -36.28
CA ASP A 440 47.56 -18.03 -36.82
C ASP A 440 48.26 -17.05 -35.90
N GLN A 441 47.51 -16.13 -35.28
CA GLN A 441 48.12 -15.14 -34.40
C GLN A 441 48.58 -15.77 -33.09
N VAL A 442 47.74 -16.64 -32.51
CA VAL A 442 48.14 -17.29 -31.27
C VAL A 442 49.34 -18.20 -31.51
N MET A 443 49.43 -18.80 -32.70
CA MET A 443 50.59 -19.63 -33.02
C MET A 443 51.87 -18.80 -33.05
N LYS A 444 51.80 -17.56 -33.54
CA LYS A 444 52.99 -16.71 -33.54
C LYS A 444 53.39 -16.31 -32.12
N THR A 445 52.42 -16.23 -31.21
CA THR A 445 52.68 -15.69 -29.88
C THR A 445 53.07 -16.77 -28.89
N THR A 446 52.30 -17.87 -28.84
CA THR A 446 52.54 -18.96 -27.91
C THR A 446 52.95 -20.26 -28.59
N GLY A 447 52.70 -20.39 -29.89
CA GLY A 447 52.99 -21.60 -30.64
C GLY A 447 51.97 -22.71 -30.52
N PHE A 448 50.90 -22.49 -29.77
CA PHE A 448 49.88 -23.52 -29.51
C PHE A 448 48.49 -22.91 -29.63
N PRO A 449 47.85 -23.04 -30.79
CA PRO A 449 46.56 -22.39 -31.00
C PRO A 449 45.51 -22.93 -30.05
N PRO A 450 44.54 -22.09 -29.67
CA PRO A 450 43.38 -22.59 -28.90
C PRO A 450 42.46 -23.43 -29.77
N THR A 451 41.59 -24.19 -29.11
CA THR A 451 40.59 -24.97 -29.82
C THR A 451 39.29 -24.20 -30.02
N PHE A 452 38.65 -24.47 -31.15
CA PHE A 452 37.39 -23.83 -31.54
C PHE A 452 36.33 -24.91 -31.74
N LEU A 453 35.13 -24.63 -31.25
CA LEU A 453 34.04 -25.57 -31.43
C LEU A 453 33.71 -25.70 -32.92
N PRO A 454 33.60 -26.91 -33.45
CA PRO A 454 33.34 -27.07 -34.88
C PRO A 454 31.99 -26.47 -35.27
N TYR A 455 31.93 -25.95 -36.51
CA TYR A 455 30.68 -25.37 -36.98
C TYR A 455 29.57 -26.40 -36.94
N SER A 456 29.87 -27.66 -37.28
CA SER A 456 28.82 -28.68 -37.31
C SER A 456 28.25 -28.93 -35.92
N TYR A 457 29.08 -28.82 -34.87
CA TYR A 457 28.58 -28.98 -33.52
C TYR A 457 27.66 -27.83 -33.12
N LEU A 458 28.11 -26.60 -33.36
CA LEU A 458 27.30 -25.44 -32.98
C LEU A 458 26.01 -25.38 -33.78
N GLN A 459 26.06 -25.75 -35.07
CA GLN A 459 24.86 -25.74 -35.89
C GLN A 459 23.89 -26.83 -35.47
N THR A 460 24.40 -28.02 -35.14
CA THR A 460 23.52 -29.10 -34.69
C THR A 460 22.83 -28.74 -33.39
N ARG A 461 23.58 -28.16 -32.45
CA ARG A 461 22.98 -27.75 -31.19
C ARG A 461 21.95 -26.64 -31.41
N TRP A 462 22.20 -25.75 -32.36
CA TRP A 462 21.27 -24.66 -32.63
C TRP A 462 19.99 -25.17 -33.26
N LEU A 463 20.10 -26.10 -34.21
CA LEU A 463 18.91 -26.64 -34.86
C LEU A 463 18.07 -27.45 -33.88
N ASN A 464 18.72 -28.23 -33.00
CA ASN A 464 17.98 -29.02 -32.02
C ASN A 464 17.24 -28.14 -31.02
N LEU A 465 17.84 -27.01 -30.65
CA LEU A 465 17.17 -26.11 -29.72
C LEU A 465 15.97 -25.41 -30.38
N LEU A 466 16.01 -25.23 -31.70
CA LEU A 466 14.89 -24.63 -32.42
C LEU A 466 13.83 -25.65 -32.83
N ALA A 467 14.22 -26.91 -33.04
CA ALA A 467 13.29 -27.93 -33.48
C ALA A 467 12.52 -28.57 -32.33
N ALA A 468 12.87 -28.29 -31.09
CA ALA A 468 12.25 -28.94 -29.94
C ALA A 468 10.77 -28.54 -29.80
N SER B 1 -26.68 -12.88 14.58
CA SER B 1 -25.42 -13.60 14.47
C SER B 1 -25.63 -15.11 14.53
N ILE B 2 -24.59 -15.85 14.19
CA ILE B 2 -24.56 -17.31 14.36
C ILE B 2 -23.36 -17.65 15.23
N ILE B 3 -23.62 -18.41 16.30
CA ILE B 3 -22.57 -18.84 17.21
C ILE B 3 -22.24 -20.30 16.91
N ILE B 4 -20.96 -20.59 16.72
CA ILE B 4 -20.47 -21.95 16.52
C ILE B 4 -19.50 -22.27 17.64
N PRO B 5 -19.92 -23.03 18.64
CA PRO B 5 -19.02 -23.38 19.74
C PRO B 5 -17.84 -24.20 19.25
N GLY B 6 -16.68 -23.97 19.87
CA GLY B 6 -15.48 -24.69 19.53
C GLY B 6 -14.89 -25.43 20.72
N PRO B 7 -13.75 -26.06 20.52
CA PRO B 7 -13.09 -26.79 21.61
C PRO B 7 -12.62 -25.85 22.71
N ASN B 8 -12.59 -26.39 23.94
CA ASN B 8 -12.04 -25.65 25.06
C ASN B 8 -10.55 -25.44 24.88
N ILE B 9 -10.03 -24.37 25.48
CA ILE B 9 -8.63 -23.99 25.37
C ILE B 9 -8.00 -23.95 26.76
N VAL B 10 -6.78 -24.48 26.87
CA VAL B 10 -6.01 -24.38 28.10
C VAL B 10 -4.57 -24.00 27.75
N PRO B 11 -3.96 -23.00 28.43
CA PRO B 11 -4.57 -22.07 29.38
C PRO B 11 -5.60 -21.14 28.73
N GLY B 12 -6.63 -20.77 29.49
CA GLY B 12 -7.64 -19.83 29.05
C GLY B 12 -7.38 -18.41 29.54
N VAL B 13 -8.41 -17.58 29.38
CA VAL B 13 -8.40 -16.21 29.87
C VAL B 13 -9.19 -16.17 31.18
N ASN B 14 -8.64 -15.51 32.20
CA ASN B 14 -9.34 -15.39 33.47
C ASN B 14 -10.47 -14.38 33.35
N VAL B 15 -11.70 -14.84 33.55
CA VAL B 15 -12.86 -13.95 33.48
C VAL B 15 -13.00 -13.21 34.81
N ASN B 16 -13.26 -11.90 34.73
CA ASN B 16 -13.54 -11.12 35.93
C ASN B 16 -14.86 -11.59 36.56
N ARG B 17 -14.84 -11.79 37.87
CA ARG B 17 -16.03 -12.23 38.60
C ARG B 17 -16.33 -11.38 39.82
N LYS B 18 -15.53 -10.35 40.10
CA LYS B 18 -15.68 -9.51 41.27
C LYS B 18 -15.83 -8.06 40.82
N SER B 19 -16.93 -7.42 41.21
CA SER B 19 -17.14 -6.04 40.82
C SER B 19 -16.19 -5.10 41.55
N LYS B 20 -15.75 -4.07 40.86
CA LYS B 20 -15.02 -2.98 41.48
C LYS B 20 -15.92 -1.87 42.00
N LEU B 21 -17.22 -1.91 41.65
CA LEU B 21 -18.16 -0.92 42.16
C LEU B 21 -18.47 -1.18 43.63
N GLY B 22 -18.63 -0.10 44.39
CA GLY B 22 -19.08 -0.19 45.77
C GLY B 22 -19.86 1.05 46.11
N ARG B 23 -20.63 0.96 47.19
CA ARG B 23 -21.45 2.09 47.59
C ARG B 23 -20.58 3.28 47.96
N SER B 24 -20.93 4.45 47.45
CA SER B 24 -20.22 5.70 47.70
C SER B 24 -20.75 6.34 48.98
N PRO B 25 -20.05 7.35 49.50
CA PRO B 25 -20.60 8.11 50.65
C PRO B 25 -21.95 8.75 50.36
N ALA B 26 -22.26 9.01 49.09
CA ALA B 26 -23.54 9.59 48.70
C ALA B 26 -24.63 8.55 48.49
N PHE B 27 -24.36 7.28 48.76
CA PHE B 27 -25.37 6.24 48.57
C PHE B 27 -26.59 6.53 49.44
N GLY B 28 -27.78 6.37 48.84
CA GLY B 28 -29.02 6.70 49.49
C GLY B 28 -29.50 8.12 49.29
N ALA B 29 -28.71 8.97 48.62
CA ALA B 29 -29.16 10.34 48.36
C ALA B 29 -30.38 10.37 47.44
N PHE B 30 -30.52 9.37 46.58
CA PHE B 30 -31.62 9.23 45.64
C PHE B 30 -32.11 7.80 45.70
N PRO B 31 -33.36 7.56 45.29
CA PRO B 31 -33.87 6.18 45.29
C PRO B 31 -33.05 5.30 44.37
N VAL B 32 -32.84 4.05 44.79
CA VAL B 32 -31.90 3.16 44.11
C VAL B 32 -32.62 2.53 42.92
N LYS B 33 -32.21 2.93 41.72
CA LYS B 33 -32.75 2.37 40.49
C LYS B 33 -31.74 1.50 39.75
N LYS B 34 -30.48 1.47 40.18
CA LYS B 34 -29.45 0.71 39.51
C LYS B 34 -28.55 0.05 40.54
N GLN B 35 -28.01 -1.11 40.18
CA GLN B 35 -27.06 -1.87 40.97
C GLN B 35 -26.00 -2.45 40.05
N PRO B 36 -24.83 -2.80 40.58
CA PRO B 36 -23.81 -3.41 39.73
C PRO B 36 -24.31 -4.73 39.15
N ALA B 37 -23.91 -4.99 37.90
CA ALA B 37 -24.34 -6.19 37.19
C ALA B 37 -23.83 -7.44 37.90
N VAL B 38 -24.60 -8.52 37.77
CA VAL B 38 -24.20 -9.80 38.35
C VAL B 38 -23.02 -10.35 37.56
N LEU B 39 -21.90 -10.61 38.25
CA LEU B 39 -20.71 -11.12 37.59
C LEU B 39 -20.44 -12.58 37.88
N THR B 40 -21.16 -13.21 38.80
CA THR B 40 -20.88 -14.59 39.18
C THR B 40 -22.18 -15.32 39.45
N GLN B 41 -22.16 -16.64 39.25
CA GLN B 41 -23.35 -17.45 39.40
C GLN B 41 -23.85 -17.46 40.85
N LYS B 42 -22.94 -17.32 41.82
CA LYS B 42 -23.29 -17.44 43.23
C LYS B 42 -23.86 -16.14 43.81
N ASP B 43 -23.98 -15.08 43.02
CA ASP B 43 -24.53 -13.83 43.53
C ASP B 43 -25.94 -14.06 44.05
N ASP B 44 -26.18 -13.62 45.30
CA ASP B 44 -27.47 -13.84 45.93
C ASP B 44 -28.58 -12.99 45.33
N ARG B 45 -28.23 -11.89 44.66
CA ARG B 45 -29.23 -11.07 44.01
C ARG B 45 -29.83 -11.74 42.78
N LEU B 46 -29.15 -12.75 42.24
CA LEU B 46 -29.66 -13.41 41.05
C LEU B 46 -30.94 -14.19 41.37
N GLU B 47 -31.93 -14.06 40.49
CA GLU B 47 -33.18 -14.78 40.65
C GLU B 47 -32.95 -16.29 40.56
N ASP B 48 -33.66 -17.04 41.39
CA ASP B 48 -33.44 -18.48 41.48
C ASP B 48 -33.84 -19.14 40.17
N GLY B 49 -33.06 -20.14 39.76
CA GLY B 49 -33.29 -20.83 38.51
C GLY B 49 -32.66 -20.21 37.29
N ILE B 50 -31.98 -19.06 37.43
CA ILE B 50 -31.39 -18.36 36.29
C ILE B 50 -29.92 -18.71 36.26
N ARG B 51 -29.43 -19.12 35.09
CA ARG B 51 -28.02 -19.40 34.91
C ARG B 51 -27.36 -18.19 34.24
N LEU B 52 -26.36 -17.61 34.91
CA LEU B 52 -25.83 -16.32 34.47
C LEU B 52 -25.18 -16.44 33.09
N ASP B 53 -24.31 -17.43 32.90
CA ASP B 53 -23.58 -17.52 31.65
C ASP B 53 -24.47 -17.83 30.46
N ASP B 54 -25.63 -18.47 30.70
CA ASP B 54 -26.60 -18.64 29.62
C ASP B 54 -27.25 -17.30 29.24
N GLN B 55 -27.40 -16.39 30.19
CA GLN B 55 -28.02 -15.10 29.92
C GLN B 55 -27.15 -14.19 29.07
N LEU B 56 -25.84 -14.42 29.06
CA LEU B 56 -24.92 -13.49 28.40
C LEU B 56 -25.10 -13.48 26.88
N PHE B 57 -25.61 -14.56 26.29
CA PHE B 57 -25.66 -14.72 24.85
C PHE B 57 -27.09 -14.89 24.34
N LEU B 58 -28.08 -14.38 25.07
CA LEU B 58 -29.46 -14.52 24.64
C LEU B 58 -29.72 -13.78 23.34
N LYS B 59 -29.04 -12.65 23.12
CA LYS B 59 -29.25 -11.88 21.90
C LYS B 59 -28.62 -12.55 20.67
N HIS B 60 -27.65 -13.44 20.87
CA HIS B 60 -26.89 -14.03 19.79
C HIS B 60 -27.55 -15.31 19.27
N ASN B 61 -27.03 -15.79 18.15
CA ASN B 61 -27.41 -17.06 17.53
C ASN B 61 -28.84 -17.06 16.97
N LYS B 62 -29.41 -15.89 16.69
CA LYS B 62 -30.72 -15.84 16.06
C LYS B 62 -30.65 -16.02 14.55
N GLY B 63 -29.46 -15.98 13.96
CA GLY B 63 -29.30 -16.14 12.53
C GLY B 63 -28.43 -15.05 11.93
N ASP B 64 -28.05 -15.27 10.69
CA ASP B 64 -27.24 -14.34 9.93
C ASP B 64 -27.71 -14.34 8.49
N MET B 65 -27.64 -13.18 7.85
CA MET B 65 -28.16 -12.99 6.49
C MET B 65 -27.01 -12.63 5.56
N ASP B 66 -26.85 -13.40 4.49
CA ASP B 66 -25.73 -13.22 3.56
C ASP B 66 -26.10 -12.44 2.31
N GLU B 67 -27.36 -12.42 1.90
CA GLU B 67 -27.79 -11.70 0.71
C GLU B 67 -28.42 -10.36 1.10
N SER B 68 -28.11 -9.33 0.33
CA SER B 68 -28.62 -7.99 0.62
C SER B 68 -30.12 -7.89 0.36
N TRP B 69 -30.80 -7.17 1.24
CA TRP B 69 -32.18 -6.76 1.05
C TRP B 69 -32.23 -5.54 0.12
N PRO B 70 -33.39 -5.25 -0.48
CA PRO B 70 -33.44 -4.18 -1.49
C PRO B 70 -33.05 -2.83 -0.92
N GLY B 71 -32.31 -2.07 -1.72
CA GLY B 71 -31.87 -0.74 -1.34
C GLY B 71 -30.59 -0.68 -0.56
N LEU B 72 -30.07 -1.82 -0.09
CA LEU B 72 -28.88 -1.81 0.75
C LEU B 72 -27.65 -1.37 -0.04
N GLU B 73 -27.41 -2.00 -1.20
CA GLU B 73 -26.27 -1.61 -2.01
C GLU B 73 -26.41 -0.21 -2.56
N ALA B 74 -27.65 0.21 -2.85
CA ALA B 74 -27.85 1.58 -3.34
C ALA B 74 -27.60 2.60 -2.24
N ALA B 75 -28.03 2.28 -1.01
CA ALA B 75 -27.80 3.20 0.10
C ALA B 75 -26.32 3.36 0.39
N ALA B 76 -25.55 2.28 0.26
CA ALA B 76 -24.11 2.36 0.48
C ALA B 76 -23.44 3.19 -0.60
N ASP B 77 -23.90 3.07 -1.85
CA ASP B 77 -23.33 3.89 -2.91
C ASP B 77 -23.57 5.37 -2.67
N LEU B 78 -24.77 5.71 -2.18
CA LEU B 78 -25.07 7.10 -1.87
C LEU B 78 -24.29 7.59 -0.66
N TYR B 79 -24.21 6.74 0.39
CA TYR B 79 -23.55 7.15 1.62
C TYR B 79 -22.06 7.36 1.41
N PHE B 80 -21.40 6.43 0.72
CA PHE B 80 -19.96 6.51 0.54
C PHE B 80 -19.56 7.46 -0.57
N SER B 81 -20.51 7.92 -1.39
CA SER B 81 -20.19 8.87 -2.44
C SER B 81 -19.72 10.21 -1.87
N LYS B 82 -20.14 10.54 -0.65
CA LYS B 82 -19.76 11.80 -0.04
C LYS B 82 -18.41 11.75 0.66
N PHE B 83 -17.82 10.56 0.82
CA PHE B 83 -16.52 10.48 1.46
C PHE B 83 -15.43 10.93 0.49
N PRO B 84 -14.38 11.58 0.98
CA PRO B 84 -13.18 11.75 0.16
C PRO B 84 -12.58 10.37 -0.12
N THR B 85 -12.07 10.19 -1.33
CA THR B 85 -11.40 8.95 -1.68
C THR B 85 -9.93 9.02 -1.31
N MET B 86 -9.52 10.08 -0.59
CA MET B 86 -8.11 10.36 -0.35
C MET B 86 -7.72 9.95 1.08
N ILE B 87 -8.36 8.90 1.65
CA ILE B 87 -8.07 8.43 3.02
C ILE B 87 -6.92 7.43 3.01
N HIS B 88 -5.90 7.71 3.79
CA HIS B 88 -4.69 6.91 3.88
C HIS B 88 -4.71 6.00 5.11
N THR B 89 -3.81 5.02 5.09
CA THR B 89 -3.56 4.23 6.29
C THR B 89 -2.58 4.97 7.20
N LEU B 90 -2.47 4.51 8.44
CA LEU B 90 -1.56 5.09 9.40
C LEU B 90 -0.29 4.26 9.50
N THR B 91 0.81 4.93 9.84
CA THR B 91 2.03 4.23 10.20
C THR B 91 1.85 3.53 11.54
N MET B 92 2.66 2.50 11.77
CA MET B 92 2.58 1.78 13.04
C MET B 92 2.84 2.71 14.22
N ALA B 93 3.72 3.70 14.06
CA ALA B 93 3.99 4.63 15.15
C ALA B 93 2.77 5.50 15.44
N ALA B 94 2.11 6.01 14.39
CA ALA B 94 0.90 6.82 14.59
C ALA B 94 -0.24 5.99 15.16
N ALA B 95 -0.34 4.71 14.76
CA ALA B 95 -1.39 3.86 15.32
C ALA B 95 -1.19 3.63 16.81
N ILE B 96 0.05 3.59 17.28
CA ILE B 96 0.33 3.37 18.69
C ILE B 96 0.18 4.66 19.48
N ASN B 97 0.81 5.73 19.01
CA ASN B 97 0.91 6.98 19.76
C ASN B 97 -0.22 7.96 19.47
N GLY B 98 -1.05 7.69 18.45
CA GLY B 98 -2.20 8.52 18.16
C GLY B 98 -1.89 9.68 17.24
N THR B 99 -2.96 10.35 16.82
CA THR B 99 -2.95 11.51 15.95
C THR B 99 -3.83 12.58 16.62
N PRO B 100 -3.93 13.79 16.06
CA PRO B 100 -4.82 14.79 16.69
C PRO B 100 -6.26 14.34 16.81
N ASN B 101 -6.78 13.53 15.87
CA ASN B 101 -8.17 13.08 15.93
C ASN B 101 -8.31 11.57 16.06
N LEU B 102 -7.26 10.88 16.48
CA LEU B 102 -7.35 9.48 16.87
C LEU B 102 -6.44 9.34 18.06
N GLU B 103 -6.94 8.79 19.15
CA GLU B 103 -6.13 8.84 20.36
C GLU B 103 -5.24 7.61 20.50
N GLY B 104 -4.14 7.78 21.23
CA GLY B 104 -3.13 6.75 21.33
C GLY B 104 -3.56 5.61 22.23
N ILE B 105 -2.82 4.51 22.11
CA ILE B 105 -3.10 3.28 22.83
C ILE B 105 -3.08 3.52 24.33
N ASP B 106 -4.08 2.98 25.02
CA ASP B 106 -4.11 3.00 26.48
C ASP B 106 -3.25 1.85 26.99
N MET B 107 -2.12 2.19 27.59
CA MET B 107 -1.13 1.19 27.98
C MET B 107 -1.57 0.38 29.19
N ASN B 108 -2.59 0.81 29.91
CA ASN B 108 -3.04 0.10 31.10
C ASN B 108 -4.07 -0.99 30.81
N GLN B 109 -4.59 -1.06 29.58
CA GLN B 109 -5.58 -2.08 29.22
C GLN B 109 -4.90 -3.43 29.00
N ALA B 110 -5.70 -4.49 29.06
CA ALA B 110 -5.17 -5.84 28.91
C ALA B 110 -4.66 -6.07 27.49
N ALA B 111 -3.62 -6.91 27.39
CA ALA B 111 -3.01 -7.21 26.11
C ALA B 111 -3.77 -8.25 25.29
N GLY B 112 -4.67 -9.00 25.91
CA GLY B 112 -5.44 -10.01 25.21
C GLY B 112 -4.68 -11.31 25.01
N TYR B 113 -5.36 -12.25 24.32
CA TYR B 113 -4.84 -13.58 24.02
C TYR B 113 -3.86 -13.51 22.83
N PRO B 114 -2.74 -14.23 22.89
CA PRO B 114 -2.28 -15.13 23.96
C PRO B 114 -1.29 -14.48 24.92
N TRP B 115 -1.16 -13.15 24.86
CA TRP B 115 -0.16 -12.48 25.70
C TRP B 115 -0.47 -12.66 27.18
N ASN B 116 -1.75 -12.77 27.55
CA ASN B 116 -2.09 -12.99 28.95
C ASN B 116 -1.54 -14.31 29.46
N THR B 117 -1.60 -15.36 28.62
CA THR B 117 -1.06 -16.66 29.01
C THR B 117 0.47 -16.66 29.07
N MET B 118 1.11 -15.73 28.37
CA MET B 118 2.56 -15.58 28.40
C MET B 118 3.03 -14.66 29.51
N GLY B 119 2.13 -14.11 30.31
CA GLY B 119 2.52 -13.22 31.38
C GLY B 119 3.00 -11.85 30.93
N ARG B 120 2.58 -11.40 29.75
CA ARG B 120 3.05 -10.14 29.18
C ARG B 120 1.92 -9.12 29.18
N SER B 121 2.07 -8.05 29.95
CA SER B 121 1.15 -6.94 29.92
C SER B 121 1.37 -6.10 28.66
N ARG B 122 0.39 -5.24 28.35
CA ARG B 122 0.56 -4.31 27.25
C ARG B 122 1.83 -3.48 27.44
N ARG B 123 2.06 -2.99 28.65
CA ARG B 123 3.22 -2.15 28.91
C ARG B 123 4.53 -2.89 28.68
N SER B 124 4.56 -4.20 28.92
CA SER B 124 5.78 -4.97 28.73
C SER B 124 6.10 -5.19 27.26
N LEU B 125 5.16 -4.95 26.36
CA LEU B 125 5.37 -5.16 24.94
C LEU B 125 5.87 -3.91 24.21
N PHE B 126 6.05 -2.79 24.90
CA PHE B 126 6.51 -1.55 24.29
C PHE B 126 7.69 -0.99 25.08
N VAL B 127 8.45 -0.13 24.42
CA VAL B 127 9.49 0.68 25.08
C VAL B 127 9.25 2.14 24.71
N GLN B 128 9.31 3.02 25.71
CA GLN B 128 9.14 4.45 25.49
C GLN B 128 10.49 5.13 25.32
N GLN B 129 10.56 6.04 24.35
CA GLN B 129 11.82 6.66 23.96
C GLN B 129 11.51 8.06 23.44
N ASN B 130 11.88 9.08 24.22
CA ASN B 130 11.54 10.48 23.92
C ASN B 130 10.04 10.69 23.90
N GLY B 131 9.32 10.02 24.79
CA GLY B 131 7.90 10.18 24.93
C GLY B 131 7.07 9.43 23.90
N ILE B 132 7.72 8.64 23.04
CA ILE B 132 7.06 7.92 21.96
C ILE B 132 7.22 6.43 22.21
N TRP B 133 6.11 5.68 22.12
CA TRP B 133 6.15 4.25 22.32
C TRP B 133 6.54 3.53 21.03
N LEU B 134 7.38 2.51 21.16
CA LEU B 134 7.69 1.65 20.03
C LEU B 134 7.47 0.19 20.44
N PRO B 135 6.91 -0.62 19.55
CA PRO B 135 6.74 -2.04 19.87
C PRO B 135 8.07 -2.74 20.03
N LEU B 136 8.10 -3.72 20.94
CA LEU B 136 9.22 -4.63 21.03
C LEU B 136 9.17 -5.61 19.85
N PRO B 137 10.32 -6.19 19.48
CA PRO B 137 10.34 -7.01 18.25
C PRO B 137 9.37 -8.18 18.26
N GLU B 138 9.13 -8.81 19.42
CA GLU B 138 8.19 -9.93 19.45
C GLU B 138 6.77 -9.50 19.13
N LEU B 139 6.39 -8.28 19.51
CA LEU B 139 5.06 -7.79 19.22
C LEU B 139 4.99 -7.15 17.84
N GLU B 140 6.08 -6.52 17.38
CA GLU B 140 6.09 -5.98 16.03
C GLU B 140 5.95 -7.10 15.00
N ALA B 141 6.53 -8.27 15.27
CA ALA B 141 6.41 -9.37 14.34
C ALA B 141 4.97 -9.85 14.23
N GLU B 142 4.26 -9.93 15.35
CA GLU B 142 2.86 -10.35 15.31
C GLU B 142 1.97 -9.31 14.65
N ILE B 143 2.30 -8.03 14.78
CA ILE B 143 1.52 -6.98 14.11
C ILE B 143 1.64 -7.14 12.60
N ASN B 144 2.87 -7.31 12.10
CA ASN B 144 3.05 -7.47 10.66
C ASN B 144 2.39 -8.75 10.16
N LYS B 145 2.39 -9.81 10.97
CA LYS B 145 1.70 -11.03 10.57
C LYS B 145 0.20 -10.81 10.52
N THR B 146 -0.34 -10.03 11.46
CA THR B 146 -1.77 -9.74 11.46
C THR B 146 -2.17 -8.84 10.29
N LEU B 147 -1.30 -7.93 9.88
CA LEU B 147 -1.60 -7.11 8.71
C LEU B 147 -1.73 -7.97 7.47
N GLU B 148 -0.88 -9.00 7.36
CA GLU B 148 -0.83 -9.80 6.14
C GLU B 148 -1.93 -10.86 6.11
N ASP B 149 -2.10 -11.61 7.20
CA ASP B 149 -3.10 -12.68 7.28
C ASP B 149 -3.72 -12.69 8.68
N PRO B 150 -4.63 -11.75 8.97
CA PRO B 150 -5.13 -11.63 10.34
C PRO B 150 -5.85 -12.88 10.80
N TYR B 151 -5.65 -13.24 12.07
CA TYR B 151 -6.28 -14.39 12.70
C TYR B 151 -5.97 -14.39 14.19
N TYR B 152 -6.97 -14.13 15.01
CA TYR B 152 -6.75 -13.87 16.43
C TYR B 152 -8.04 -14.13 17.19
N PHE B 153 -7.93 -14.19 18.52
CA PHE B 153 -9.07 -14.39 19.41
C PHE B 153 -9.42 -13.10 20.13
N TYR B 154 -10.70 -12.72 20.10
CA TYR B 154 -11.21 -11.77 21.07
C TYR B 154 -11.34 -12.44 22.44
N SER B 155 -11.14 -11.65 23.49
CA SER B 155 -11.32 -12.11 24.87
C SER B 155 -12.67 -11.62 25.37
N THR B 156 -13.53 -12.55 25.77
CA THR B 156 -14.86 -12.22 26.25
C THR B 156 -14.80 -11.96 27.76
N PHE B 157 -15.27 -10.79 28.18
CA PHE B 157 -15.36 -10.44 29.59
C PHE B 157 -16.77 -9.96 29.89
N LEU B 158 -17.10 -9.92 31.18
CA LEU B 158 -18.37 -9.38 31.62
C LEU B 158 -18.19 -7.90 31.94
N LYS B 159 -19.16 -7.09 31.53
CA LYS B 159 -19.07 -5.65 31.70
C LYS B 159 -19.44 -5.27 33.13
N ASP B 160 -18.49 -4.72 33.87
CA ASP B 160 -18.68 -4.32 35.27
C ASP B 160 -19.25 -2.91 35.27
N GLU B 161 -20.58 -2.81 35.43
CA GLU B 161 -21.26 -1.54 35.27
C GLU B 161 -22.56 -1.57 36.04
N LEU B 162 -23.08 -0.38 36.34
CA LEU B 162 -24.42 -0.28 36.90
C LEU B 162 -25.45 -0.70 35.86
N ARG B 163 -26.45 -1.45 36.31
CA ARG B 163 -27.56 -1.87 35.49
C ARG B 163 -28.87 -1.61 36.23
N PRO B 164 -29.98 -1.42 35.51
CA PRO B 164 -31.27 -1.29 36.18
C PRO B 164 -31.60 -2.55 36.96
N THR B 165 -32.25 -2.37 38.11
CA THR B 165 -32.35 -3.44 39.10
C THR B 165 -33.03 -4.67 38.52
N SER B 166 -34.00 -4.49 37.61
CA SER B 166 -34.63 -5.65 36.98
C SER B 166 -33.64 -6.44 36.14
N LYS B 167 -32.69 -5.77 35.49
CA LYS B 167 -31.65 -6.49 34.75
C LYS B 167 -30.70 -7.22 35.69
N VAL B 168 -30.52 -6.71 36.91
CA VAL B 168 -29.65 -7.37 37.88
C VAL B 168 -30.29 -8.68 38.33
N THR B 169 -31.58 -8.63 38.66
CA THR B 169 -32.30 -9.82 39.12
C THR B 169 -32.30 -10.93 38.07
N LEU B 170 -32.42 -10.56 36.80
CA LEU B 170 -32.46 -11.50 35.69
C LEU B 170 -31.08 -11.91 35.19
N GLY B 171 -30.01 -11.30 35.70
CA GLY B 171 -28.68 -11.63 35.22
C GLY B 171 -28.36 -11.13 33.84
N LEU B 172 -29.06 -10.09 33.37
CA LEU B 172 -28.88 -9.58 32.01
C LEU B 172 -27.70 -8.59 31.98
N THR B 173 -26.51 -9.13 32.24
CA THR B 173 -25.29 -8.35 32.19
C THR B 173 -24.66 -8.42 30.81
N ARG B 174 -23.93 -7.38 30.45
CA ARG B 174 -23.45 -7.24 29.08
C ARG B 174 -22.03 -7.78 28.93
N VAL B 175 -21.70 -8.12 27.68
CA VAL B 175 -20.42 -8.74 27.33
C VAL B 175 -19.54 -7.69 26.65
N VAL B 176 -18.25 -7.70 26.98
CA VAL B 176 -17.22 -6.96 26.26
C VAL B 176 -16.28 -7.97 25.60
N GLU B 177 -15.92 -7.72 24.34
CA GLU B 177 -15.03 -8.61 23.60
C GLU B 177 -13.78 -7.82 23.23
N ALA B 178 -12.69 -8.04 23.96
CA ALA B 178 -11.48 -7.24 23.81
C ALA B 178 -10.54 -7.87 22.79
N ALA B 179 -10.18 -7.11 21.75
CA ALA B 179 -9.23 -7.58 20.76
C ALA B 179 -7.81 -7.58 21.33
N PRO B 180 -6.98 -8.54 20.94
CA PRO B 180 -5.59 -8.56 21.39
C PRO B 180 -4.81 -7.39 20.81
N ILE B 181 -3.75 -7.00 21.52
CA ILE B 181 -3.05 -5.75 21.21
C ILE B 181 -2.44 -5.76 19.80
N HIS B 182 -1.97 -6.92 19.33
CA HIS B 182 -1.43 -6.94 17.97
C HIS B 182 -2.53 -6.74 16.93
N ALA B 183 -3.74 -7.26 17.19
CA ALA B 183 -4.85 -6.97 16.29
C ALA B 183 -5.29 -5.52 16.37
N ILE B 184 -5.16 -4.90 17.54
CA ILE B 184 -5.60 -3.51 17.69
C ILE B 184 -4.72 -2.57 16.89
N ILE B 185 -3.40 -2.73 16.98
CA ILE B 185 -2.49 -1.86 16.24
C ILE B 185 -2.62 -2.11 14.74
N ALA B 186 -2.78 -3.38 14.34
CA ALA B 186 -2.96 -3.68 12.93
C ALA B 186 -4.25 -3.07 12.40
N GLY B 187 -5.31 -3.08 13.19
CA GLY B 187 -6.55 -2.46 12.76
C GLY B 187 -6.46 -0.94 12.72
N ARG B 188 -5.74 -0.37 13.69
CA ARG B 188 -5.55 1.09 13.69
C ARG B 188 -4.69 1.54 12.51
N MET B 189 -3.76 0.71 12.05
CA MET B 189 -2.99 1.08 10.87
C MET B 189 -3.87 1.08 9.62
N LEU B 190 -4.72 0.07 9.46
CA LEU B 190 -5.54 -0.04 8.27
C LEU B 190 -6.72 0.93 8.28
N LEU B 191 -7.39 1.06 9.42
CA LEU B 191 -8.62 1.84 9.51
C LEU B 191 -8.45 3.16 10.25
N GLY B 192 -7.25 3.47 10.73
CA GLY B 192 -7.09 4.64 11.58
C GLY B 192 -7.21 5.95 10.84
N GLY B 193 -6.91 5.96 9.54
CA GLY B 193 -7.14 7.16 8.76
C GLY B 193 -8.61 7.46 8.56
N LEU B 194 -9.42 6.41 8.39
CA LEU B 194 -10.86 6.60 8.34
C LEU B 194 -11.42 7.08 9.68
N ILE B 195 -10.95 6.49 10.79
CA ILE B 195 -11.39 6.91 12.10
C ILE B 195 -10.96 8.34 12.37
N GLU B 196 -9.73 8.67 11.98
CA GLU B 196 -9.22 10.03 12.11
C GLU B 196 -10.11 11.03 11.39
N TYR B 197 -10.47 10.72 10.14
CA TYR B 197 -11.23 11.66 9.32
C TYR B 197 -12.63 11.87 9.86
N MET B 198 -13.33 10.78 10.23
CA MET B 198 -14.71 10.91 10.67
C MET B 198 -14.80 11.61 12.01
N GLN B 199 -13.88 11.32 12.94
CA GLN B 199 -13.92 11.97 14.24
C GLN B 199 -13.54 13.45 14.15
N ALA B 200 -12.81 13.83 13.09
CA ALA B 200 -12.48 15.23 12.85
C ALA B 200 -13.68 16.03 12.38
N ASN B 201 -14.72 15.37 11.87
CA ASN B 201 -15.92 16.04 11.39
C ASN B 201 -17.15 15.39 12.00
N PRO B 202 -17.42 15.66 13.27
CA PRO B 202 -18.64 15.11 13.89
C PRO B 202 -19.89 15.65 13.22
N GLY B 203 -20.89 14.79 13.09
CA GLY B 203 -22.12 15.12 12.42
C GLY B 203 -22.10 14.87 10.93
N LYS B 204 -20.92 14.88 10.32
CA LYS B 204 -20.76 14.53 8.92
C LYS B 204 -20.87 13.02 8.74
N HIS B 205 -21.37 12.62 7.58
CA HIS B 205 -21.57 11.21 7.24
C HIS B 205 -22.44 10.48 8.26
N GLY B 206 -23.37 11.21 8.87
CA GLY B 206 -24.32 10.58 9.77
C GLY B 206 -23.73 10.04 11.05
N SER B 207 -22.58 10.54 11.48
CA SER B 207 -21.84 9.96 12.59
C SER B 207 -21.53 11.02 13.64
N ALA B 208 -21.90 10.74 14.89
CA ALA B 208 -21.52 11.57 16.02
C ALA B 208 -20.27 11.06 16.73
N VAL B 209 -19.62 10.02 16.21
CA VAL B 209 -18.46 9.44 16.90
C VAL B 209 -17.35 10.47 17.01
N GLY B 210 -16.74 10.55 18.20
CA GLY B 210 -15.70 11.50 18.48
C GLY B 210 -16.17 12.89 18.86
N CYS B 211 -17.48 13.11 18.99
CA CYS B 211 -18.01 14.43 19.28
C CYS B 211 -17.83 14.81 20.74
N ASN B 212 -17.87 16.11 20.99
CA ASN B 212 -17.93 16.66 22.34
C ASN B 212 -19.30 17.25 22.55
N PRO B 213 -20.17 16.61 23.33
CA PRO B 213 -21.57 17.07 23.43
C PRO B 213 -21.73 18.50 23.92
N ASP B 214 -20.84 18.97 24.79
CA ASP B 214 -20.96 20.33 25.29
C ASP B 214 -20.89 21.35 24.15
N LEU B 215 -20.04 21.09 23.17
CA LEU B 215 -19.85 22.00 22.05
C LEU B 215 -20.73 21.67 20.85
N HIS B 216 -20.84 20.39 20.51
CA HIS B 216 -21.46 19.97 19.26
C HIS B 216 -22.97 19.84 19.34
N TRP B 217 -23.57 19.95 20.52
CA TRP B 217 -25.02 19.89 20.61
C TRP B 217 -25.68 21.05 19.87
N THR B 218 -25.05 22.22 19.91
CA THR B 218 -25.56 23.35 19.15
C THR B 218 -25.39 23.13 17.65
N LYS B 219 -24.27 22.53 17.25
CA LYS B 219 -24.04 22.24 15.84
C LYS B 219 -25.04 21.21 15.32
N PHE B 220 -25.26 20.13 16.08
CA PHE B 220 -26.22 19.12 15.66
C PHE B 220 -27.64 19.69 15.59
N PHE B 221 -27.97 20.61 16.50
CA PHE B 221 -29.32 21.14 16.57
C PHE B 221 -29.67 21.96 15.34
N PHE B 222 -28.76 22.82 14.90
CA PHE B 222 -29.01 23.70 13.77
C PHE B 222 -28.87 23.02 12.41
N LYS B 223 -28.25 21.85 12.35
CA LYS B 223 -28.23 21.07 11.12
C LYS B 223 -29.51 20.27 10.92
N PHE B 224 -30.42 20.29 11.91
CA PHE B 224 -31.69 19.60 11.85
C PHE B 224 -32.89 20.52 11.71
N CYS B 225 -32.68 21.85 11.78
CA CYS B 225 -33.80 22.78 11.86
C CYS B 225 -34.65 22.80 10.58
N HIS B 226 -34.08 22.46 9.43
CA HIS B 226 -34.88 22.41 8.21
C HIS B 226 -35.91 21.28 8.22
N TYR B 227 -35.71 20.26 9.04
CA TYR B 227 -36.67 19.17 9.09
C TYR B 227 -37.70 19.45 10.17
N PRO B 228 -38.98 19.62 9.82
CA PRO B 228 -39.99 19.85 10.85
C PRO B 228 -40.08 18.72 11.86
N GLN B 229 -39.83 17.49 11.43
CA GLN B 229 -39.91 16.31 12.28
C GLN B 229 -38.54 15.67 12.41
N VAL B 230 -38.23 15.22 13.63
CA VAL B 230 -37.03 14.44 13.91
C VAL B 230 -37.44 13.31 14.83
N PHE B 231 -37.01 12.09 14.52
CA PHE B 231 -37.50 10.89 15.19
C PHE B 231 -36.37 10.11 15.84
N ASP B 232 -36.68 9.53 17.01
CA ASP B 232 -35.87 8.45 17.55
C ASP B 232 -36.10 7.17 16.75
N LEU B 233 -35.08 6.32 16.70
CA LEU B 233 -35.20 4.99 16.12
C LEU B 233 -34.35 4.05 16.98
N ASP B 234 -34.98 3.47 18.00
CA ASP B 234 -34.27 2.63 18.96
C ASP B 234 -34.26 1.18 18.49
N TYR B 235 -33.11 0.54 18.63
CA TYR B 235 -32.92 -0.85 18.25
C TYR B 235 -32.90 -1.76 19.48
N LYS B 236 -33.28 -3.01 19.27
CA LYS B 236 -33.00 -4.08 20.23
C LYS B 236 -31.91 -4.98 19.65
N CYS B 237 -30.91 -5.30 20.47
CA CYS B 237 -29.84 -6.23 20.11
C CYS B 237 -29.15 -5.84 18.80
N PHE B 238 -28.88 -4.54 18.65
CA PHE B 238 -28.33 -4.05 17.39
C PHE B 238 -26.99 -4.68 17.06
N ASP B 239 -26.11 -4.83 18.06
CA ASP B 239 -24.80 -5.41 17.79
C ASP B 239 -24.90 -6.87 17.36
N ALA B 240 -25.84 -7.61 17.93
CA ALA B 240 -25.97 -9.03 17.61
C ALA B 240 -26.63 -9.25 16.25
N THR B 241 -27.54 -8.36 15.84
CA THR B 241 -28.31 -8.55 14.62
C THR B 241 -27.61 -8.07 13.37
N LEU B 242 -26.43 -7.48 13.47
CA LEU B 242 -25.76 -6.93 12.30
C LEU B 242 -25.44 -8.07 11.32
N PRO B 243 -25.88 -7.99 10.07
CA PRO B 243 -25.72 -9.13 9.16
C PRO B 243 -24.41 -9.09 8.39
N SER B 244 -23.98 -10.29 7.97
CA SER B 244 -22.74 -10.39 7.21
C SER B 244 -22.84 -9.65 5.88
N CYS B 245 -24.03 -9.59 5.28
CA CYS B 245 -24.17 -8.89 4.01
C CYS B 245 -23.84 -7.40 4.15
N ALA B 246 -24.19 -6.81 5.30
CA ALA B 246 -23.82 -5.41 5.53
C ALA B 246 -22.32 -5.26 5.69
N PHE B 247 -21.67 -6.22 6.36
CA PHE B 247 -20.22 -6.15 6.52
C PHE B 247 -19.51 -6.24 5.18
N ARG B 248 -19.96 -7.14 4.30
CA ARG B 248 -19.30 -7.30 3.01
C ARG B 248 -19.43 -6.05 2.15
N ILE B 249 -20.56 -5.34 2.26
CA ILE B 249 -20.73 -4.11 1.51
C ILE B 249 -19.78 -3.03 2.01
N VAL B 250 -19.64 -2.92 3.34
CA VAL B 250 -18.74 -1.93 3.92
C VAL B 250 -17.29 -2.26 3.59
N GLU B 251 -16.95 -3.55 3.51
CA GLU B 251 -15.59 -3.93 3.15
C GLU B 251 -15.23 -3.43 1.75
N LYS B 252 -16.15 -3.63 0.80
CA LYS B 252 -15.88 -3.25 -0.58
C LYS B 252 -15.62 -1.75 -0.72
N HIS B 253 -16.43 -0.93 -0.02
CA HIS B 253 -16.27 0.50 -0.15
C HIS B 253 -15.06 1.02 0.63
N LEU B 254 -14.82 0.47 1.82
CA LEU B 254 -13.69 0.95 2.62
C LEU B 254 -12.36 0.62 1.96
N GLU B 255 -12.25 -0.54 1.32
CA GLU B 255 -11.02 -0.86 0.61
C GLU B 255 -10.79 0.10 -0.55
N ARG B 256 -11.87 0.48 -1.24
CA ARG B 256 -11.75 1.43 -2.35
C ARG B 256 -11.30 2.79 -1.85
N LEU B 257 -11.91 3.27 -0.76
CA LEU B 257 -11.58 4.61 -0.24
C LEU B 257 -10.18 4.63 0.38
N ILE B 258 -9.81 3.59 1.12
CA ILE B 258 -8.53 3.60 1.80
C ILE B 258 -7.38 3.24 0.85
N GLY B 259 -7.67 2.49 -0.21
CA GLY B 259 -6.64 2.15 -1.16
C GLY B 259 -5.63 1.11 -0.68
N ASP B 260 -6.05 0.23 0.23
CA ASP B 260 -5.19 -0.83 0.75
C ASP B 260 -5.96 -2.14 0.67
N GLU B 261 -5.39 -3.11 -0.04
CA GLU B 261 -6.08 -4.38 -0.28
C GLU B 261 -6.27 -5.18 1.00
N ARG B 262 -5.50 -4.89 2.05
CA ARG B 262 -5.55 -5.64 3.29
C ARG B 262 -6.72 -5.30 4.20
N VAL B 263 -7.44 -4.19 3.96
CA VAL B 263 -8.50 -3.83 4.90
C VAL B 263 -9.67 -4.81 4.82
N THR B 264 -9.87 -5.46 3.67
CA THR B 264 -10.99 -6.38 3.56
C THR B 264 -10.78 -7.62 4.43
N ARG B 265 -9.60 -8.23 4.36
CA ARG B 265 -9.39 -9.41 5.17
C ARG B 265 -9.23 -9.09 6.64
N TYR B 266 -8.92 -7.85 7.00
CA TYR B 266 -8.96 -7.49 8.42
C TYR B 266 -10.39 -7.39 8.91
N ILE B 267 -11.26 -6.71 8.15
CA ILE B 267 -12.65 -6.58 8.57
C ILE B 267 -13.33 -7.95 8.55
N GLU B 268 -12.82 -8.89 7.74
CA GLU B 268 -13.37 -10.24 7.75
C GLU B 268 -13.22 -10.90 9.12
N THR B 269 -12.17 -10.54 9.87
CA THR B 269 -12.05 -11.05 11.23
C THR B 269 -12.99 -10.36 12.21
N ILE B 270 -13.57 -9.23 11.82
CA ILE B 270 -14.63 -8.63 12.61
C ILE B 270 -15.98 -9.25 12.27
N ARG B 271 -16.27 -9.42 10.97
CA ARG B 271 -17.53 -10.05 10.57
C ARG B 271 -17.59 -11.50 11.00
N HIS B 272 -16.48 -12.22 10.89
CA HIS B 272 -16.38 -13.62 11.31
C HIS B 272 -15.31 -13.66 12.40
N SER B 273 -15.72 -13.41 13.63
CA SER B 273 -14.80 -13.26 14.75
C SER B 273 -14.68 -14.57 15.52
N ARG B 274 -13.54 -14.71 16.20
CA ARG B 274 -13.26 -15.86 17.05
C ARG B 274 -13.01 -15.35 18.47
N HIS B 275 -13.49 -16.11 19.46
CA HIS B 275 -13.53 -15.63 20.82
C HIS B 275 -13.09 -16.71 21.80
N VAL B 276 -12.47 -16.28 22.88
CA VAL B 276 -12.18 -17.14 24.03
C VAL B 276 -12.91 -16.54 25.23
N PHE B 277 -13.75 -17.34 25.87
CA PHE B 277 -14.51 -16.94 27.05
C PHE B 277 -14.12 -17.90 28.16
N GLY B 278 -13.22 -17.45 29.04
CA GLY B 278 -12.67 -18.35 30.03
C GLY B 278 -11.85 -19.43 29.35
N ASN B 279 -12.26 -20.68 29.49
CA ASN B 279 -11.66 -21.77 28.75
C ASN B 279 -12.44 -22.17 27.49
N GLU B 280 -13.62 -21.61 27.29
CA GLU B 280 -14.42 -21.94 26.11
C GLU B 280 -14.04 -21.04 24.94
N THR B 281 -14.27 -21.56 23.72
CA THR B 281 -14.07 -20.80 22.50
C THR B 281 -15.30 -20.95 21.61
N TYR B 282 -15.52 -19.95 20.77
CA TYR B 282 -16.63 -20.00 19.82
C TYR B 282 -16.34 -19.04 18.68
N GLU B 283 -17.00 -19.30 17.55
CA GLU B 283 -17.01 -18.38 16.42
C GLU B 283 -18.33 -17.62 16.43
N MET B 284 -18.26 -16.36 16.02
CA MET B 284 -19.45 -15.52 15.86
C MET B 284 -19.49 -15.05 14.42
N ILE B 285 -20.40 -15.62 13.65
CA ILE B 285 -20.55 -15.27 12.24
C ILE B 285 -21.66 -14.23 12.14
N GLY B 286 -21.30 -13.04 11.69
CA GLY B 286 -22.18 -11.89 11.77
C GLY B 286 -22.14 -11.29 13.18
N GLY B 287 -22.78 -10.14 13.30
CA GLY B 287 -22.77 -9.40 14.55
C GLY B 287 -21.45 -8.70 14.75
N ASN B 288 -21.45 -7.60 15.51
CA ASN B 288 -20.22 -6.84 15.71
C ASN B 288 -19.79 -6.92 17.16
N PRO B 289 -18.64 -7.51 17.45
CA PRO B 289 -18.16 -7.50 18.85
C PRO B 289 -17.71 -6.10 19.25
N SER B 290 -18.23 -5.64 20.39
CA SER B 290 -17.74 -4.37 20.92
C SER B 290 -16.33 -4.56 21.46
N GLY B 291 -15.58 -3.46 21.54
CA GLY B 291 -14.19 -3.47 21.92
C GLY B 291 -13.23 -3.87 20.83
N CYS B 292 -13.70 -3.98 19.59
CA CYS B 292 -12.89 -4.20 18.42
C CYS B 292 -12.42 -2.85 17.89
N VAL B 293 -11.36 -2.87 17.08
CA VAL B 293 -10.89 -1.64 16.45
C VAL B 293 -12.00 -0.98 15.63
N GLY B 294 -12.21 0.32 15.87
CA GLY B 294 -13.22 1.06 15.14
C GLY B 294 -14.61 0.51 15.30
N THR B 295 -14.92 -0.09 16.45
CA THR B 295 -16.25 -0.70 16.60
C THR B 295 -17.38 0.32 16.56
N SER B 296 -17.15 1.53 17.08
CA SER B 296 -18.15 2.56 16.97
C SER B 296 -18.28 3.08 15.54
N ILE B 297 -17.16 3.19 14.83
CA ILE B 297 -17.19 3.68 13.46
C ILE B 297 -17.89 2.68 12.55
N ILE B 298 -17.60 1.39 12.71
CA ILE B 298 -18.22 0.38 11.86
C ILE B 298 -19.71 0.25 12.14
N ASN B 299 -20.09 0.26 13.43
CA ASN B 299 -21.51 0.19 13.76
C ASN B 299 -22.26 1.42 13.26
N THR B 300 -21.65 2.59 13.37
CA THR B 300 -22.32 3.81 12.92
C THR B 300 -22.49 3.81 11.41
N ILE B 301 -21.49 3.33 10.68
CA ILE B 301 -21.60 3.27 9.21
C ILE B 301 -22.66 2.27 8.80
N ILE B 302 -22.66 1.09 9.43
CA ILE B 302 -23.65 0.08 9.09
C ILE B 302 -25.06 0.56 9.45
N ASN B 303 -25.18 1.31 10.54
CA ASN B 303 -26.49 1.85 10.91
C ASN B 303 -26.97 2.87 9.89
N ASN B 304 -26.07 3.70 9.36
CA ASN B 304 -26.45 4.67 8.34
C ASN B 304 -26.88 3.98 7.06
N ILE B 305 -26.21 2.88 6.69
CA ILE B 305 -26.59 2.16 5.47
C ILE B 305 -27.96 1.53 5.63
N CYS B 306 -28.25 1.00 6.82
CA CYS B 306 -29.52 0.31 7.02
C CYS B 306 -30.69 1.28 7.03
N VAL B 307 -30.53 2.42 7.70
CA VAL B 307 -31.62 3.40 7.74
C VAL B 307 -31.85 3.99 6.34
N LEU B 308 -30.77 4.23 5.59
CA LEU B 308 -30.93 4.74 4.23
C LEU B 308 -31.60 3.71 3.32
N SER B 309 -31.33 2.43 3.53
CA SER B 309 -31.94 1.40 2.69
C SER B 309 -33.45 1.33 2.91
N ALA B 310 -33.91 1.68 4.11
CA ALA B 310 -35.35 1.79 4.35
C ALA B 310 -35.90 3.09 3.79
N LEU B 311 -35.12 4.17 3.87
CA LEU B 311 -35.59 5.48 3.42
C LEU B 311 -35.83 5.50 1.91
N ILE B 312 -35.05 4.76 1.14
CA ILE B 312 -35.18 4.83 -0.32
C ILE B 312 -36.49 4.21 -0.78
N GLN B 313 -37.05 3.28 0.00
CA GLN B 313 -38.29 2.65 -0.40
C GLN B 313 -39.50 3.59 -0.32
N HIS B 314 -39.39 4.67 0.45
CA HIS B 314 -40.49 5.62 0.60
C HIS B 314 -40.61 6.47 -0.66
N PRO B 315 -41.83 6.67 -1.17
CA PRO B 315 -41.99 7.49 -2.38
C PRO B 315 -41.50 8.92 -2.22
N ASP B 316 -41.59 9.49 -1.01
CA ASP B 316 -41.24 10.88 -0.78
C ASP B 316 -39.75 11.12 -0.55
N PHE B 317 -38.93 10.08 -0.52
CA PHE B 317 -37.51 10.27 -0.24
C PHE B 317 -36.85 11.13 -1.30
N SER B 318 -35.94 12.00 -0.86
CA SER B 318 -35.02 12.70 -1.74
C SER B 318 -33.62 12.61 -1.16
N PRO B 319 -32.61 12.39 -2.01
CA PRO B 319 -31.22 12.40 -1.51
C PRO B 319 -30.82 13.72 -0.87
N GLU B 320 -31.40 14.82 -1.33
CA GLU B 320 -31.05 16.16 -0.86
C GLU B 320 -31.91 16.60 0.32
N SER B 321 -32.74 15.71 0.88
CA SER B 321 -33.70 16.08 1.90
C SER B 321 -33.74 15.05 3.03
N PHE B 322 -32.57 14.65 3.51
CA PHE B 322 -32.49 13.75 4.66
C PHE B 322 -31.22 14.05 5.44
N ARG B 323 -31.28 13.75 6.75
CA ARG B 323 -30.08 13.80 7.59
C ARG B 323 -30.21 12.74 8.67
N ILE B 324 -29.13 11.98 8.85
CA ILE B 324 -29.03 10.98 9.92
C ILE B 324 -27.93 11.43 10.88
N LEU B 325 -28.12 11.14 12.16
CA LEU B 325 -27.09 11.33 13.16
C LEU B 325 -27.08 10.10 14.05
N ALA B 326 -25.96 9.38 14.07
CA ALA B 326 -25.92 8.08 14.70
C ALA B 326 -24.63 7.91 15.50
N TYR B 327 -24.71 7.06 16.53
CA TYR B 327 -23.56 6.66 17.32
C TYR B 327 -23.82 5.21 17.73
N GLY B 328 -23.28 4.27 16.96
CA GLY B 328 -23.61 2.87 17.20
C GLY B 328 -25.08 2.63 16.93
N ASP B 329 -25.77 2.05 17.91
CA ASP B 329 -27.20 1.78 17.78
C ASP B 329 -28.07 3.00 18.06
N ASP B 330 -27.49 4.10 18.54
CA ASP B 330 -28.26 5.30 18.89
C ASP B 330 -28.39 6.16 17.64
N VAL B 331 -29.64 6.45 17.25
CA VAL B 331 -29.94 7.09 15.97
C VAL B 331 -31.00 8.16 16.16
N ILE B 332 -30.83 9.30 15.49
CA ILE B 332 -31.91 10.22 15.18
C ILE B 332 -31.80 10.59 13.71
N TYR B 333 -32.94 10.91 13.10
CA TYR B 333 -32.99 11.23 11.68
C TYR B 333 -34.17 12.13 11.40
N GLY B 334 -34.09 12.83 10.27
CA GLY B 334 -35.20 13.66 9.82
C GLY B 334 -35.22 13.73 8.31
N CYS B 335 -36.44 13.84 7.76
CA CYS B 335 -36.63 13.98 6.33
C CYS B 335 -37.68 15.05 6.06
N ASP B 336 -37.51 15.77 4.96
CA ASP B 336 -38.50 16.75 4.51
C ASP B 336 -38.94 16.39 3.09
N PRO B 337 -40.18 15.92 2.87
CA PRO B 337 -41.27 15.57 3.78
C PRO B 337 -40.94 14.40 4.71
N PRO B 338 -41.53 14.40 5.92
CA PRO B 338 -41.15 13.41 6.92
C PRO B 338 -41.44 11.98 6.48
N ILE B 339 -40.57 11.07 6.90
CA ILE B 339 -40.73 9.64 6.69
C ILE B 339 -40.82 8.99 8.07
N HIS B 340 -42.00 8.44 8.39
CA HIS B 340 -42.28 8.01 9.74
C HIS B 340 -41.49 6.75 10.11
N PRO B 341 -41.08 6.63 11.39
CA PRO B 341 -40.37 5.41 11.81
C PRO B 341 -41.16 4.13 11.62
N SER B 342 -42.50 4.19 11.72
CA SER B 342 -43.29 2.98 11.52
C SER B 342 -43.11 2.43 10.11
N PHE B 343 -42.85 3.30 9.13
CA PHE B 343 -42.51 2.82 7.79
C PHE B 343 -41.18 2.06 7.79
N ILE B 344 -40.24 2.47 8.63
CA ILE B 344 -38.95 1.78 8.70
C ILE B 344 -39.10 0.44 9.41
N LYS B 345 -39.88 0.41 10.49
CA LYS B 345 -40.07 -0.85 11.21
C LYS B 345 -40.81 -1.87 10.36
N GLU B 346 -41.76 -1.42 9.55
CA GLU B 346 -42.49 -2.37 8.72
C GLU B 346 -41.57 -3.00 7.69
N PHE B 347 -40.72 -2.18 7.07
CA PHE B 347 -39.74 -2.67 6.11
C PHE B 347 -38.66 -3.52 6.76
N TYR B 348 -38.18 -3.11 7.95
CA TYR B 348 -37.15 -3.89 8.64
C TYR B 348 -37.66 -5.29 9.00
N ASP B 349 -38.92 -5.37 9.44
CA ASP B 349 -39.47 -6.65 9.87
C ASP B 349 -39.57 -7.65 8.71
N ARG B 350 -39.78 -7.15 7.50
CA ARG B 350 -40.02 -8.02 6.35
C ARG B 350 -38.73 -8.48 5.68
N TYR B 351 -37.74 -7.61 5.53
CA TYR B 351 -36.56 -7.89 4.71
C TYR B 351 -35.27 -8.04 5.51
N THR B 352 -35.23 -7.65 6.77
CA THR B 352 -33.98 -7.51 7.51
C THR B 352 -34.09 -8.21 8.85
N PRO B 353 -32.95 -8.60 9.44
CA PRO B 353 -32.95 -9.09 10.82
C PRO B 353 -32.93 -7.99 11.87
N LEU B 354 -32.96 -6.72 11.45
CA LEU B 354 -32.96 -5.60 12.38
C LEU B 354 -34.31 -5.53 13.12
N VAL B 355 -34.25 -5.17 14.39
CA VAL B 355 -35.42 -5.10 15.25
C VAL B 355 -35.53 -3.68 15.80
N VAL B 356 -36.48 -2.90 15.27
CA VAL B 356 -36.77 -1.56 15.74
C VAL B 356 -38.01 -1.60 16.63
N THR B 357 -38.00 -0.82 17.72
CA THR B 357 -39.09 -0.76 18.69
C THR B 357 -39.34 0.68 19.09
N PRO B 358 -40.59 1.01 19.50
CA PRO B 358 -40.84 2.36 20.03
C PRO B 358 -40.11 2.65 21.33
N ALA B 359 -40.10 1.67 22.26
CA ALA B 359 -39.43 1.79 23.56
C ALA B 359 -39.83 3.06 24.32
N ASN B 360 -41.07 3.53 24.11
CA ASN B 360 -41.58 4.71 24.79
C ASN B 360 -42.35 4.22 26.01
N LYS B 361 -43.67 4.11 25.94
CA LYS B 361 -44.47 3.48 26.97
C LYS B 361 -44.62 1.98 26.73
N THR B 362 -43.87 1.44 25.75
CA THR B 362 -44.02 0.07 25.17
C THR B 362 -45.12 -0.07 24.12
N ASP B 363 -45.93 0.95 23.87
CA ASP B 363 -47.02 0.76 22.93
C ASP B 363 -46.57 0.92 21.49
N THR B 364 -46.49 2.17 21.02
CA THR B 364 -46.25 2.44 19.61
C THR B 364 -45.53 3.76 19.46
N PHE B 365 -45.10 4.03 18.22
CA PHE B 365 -44.35 5.24 17.92
C PHE B 365 -45.23 6.48 18.06
N PRO B 366 -44.66 7.60 18.48
CA PRO B 366 -45.42 8.86 18.52
C PRO B 366 -45.85 9.31 17.12
N GLU B 367 -47.03 9.94 17.07
CA GLU B 367 -47.53 10.45 15.80
C GLU B 367 -46.66 11.58 15.27
N ASN B 368 -46.08 12.38 16.16
CA ASN B 368 -45.22 13.50 15.77
C ASN B 368 -44.06 13.60 16.74
N SER B 369 -42.92 14.07 16.23
CA SER B 369 -41.71 14.19 17.02
C SER B 369 -40.86 15.28 16.43
N THR B 370 -40.28 16.11 17.29
CA THR B 370 -39.42 17.21 16.90
C THR B 370 -38.03 17.01 17.51
N ILE B 371 -37.14 17.97 17.22
CA ILE B 371 -35.80 17.93 17.79
C ILE B 371 -35.85 18.01 19.31
N TYR B 372 -36.92 18.61 19.85
CA TYR B 372 -37.11 18.72 21.29
C TYR B 372 -37.59 17.44 21.94
N ASP B 373 -38.04 16.45 21.15
CA ASP B 373 -38.54 15.20 21.70
C ASP B 373 -37.52 14.07 21.72
N VAL B 374 -36.52 14.11 20.84
CA VAL B 374 -35.59 13.00 20.67
C VAL B 374 -34.58 12.97 21.83
N THR B 375 -34.05 11.79 22.10
CA THR B 375 -32.94 11.59 23.01
C THR B 375 -31.78 11.00 22.24
N PHE B 376 -30.59 11.56 22.43
CA PHE B 376 -29.40 11.11 21.73
C PHE B 376 -28.23 11.15 22.69
N LEU B 377 -27.49 10.03 22.78
CA LEU B 377 -26.42 9.88 23.78
C LEU B 377 -26.94 10.18 25.18
N LYS B 378 -28.14 9.69 25.47
CA LYS B 378 -28.82 9.87 26.75
C LYS B 378 -29.08 11.34 27.07
N ARG B 379 -29.15 12.21 26.06
CA ARG B 379 -29.31 13.64 26.28
C ARG B 379 -30.43 14.19 25.41
N TRP B 380 -31.12 15.20 25.95
CA TRP B 380 -32.09 15.99 25.21
C TRP B 380 -31.43 17.26 24.65
N PHE B 381 -32.11 17.87 23.68
CA PHE B 381 -31.71 19.16 23.12
C PHE B 381 -32.57 20.24 23.75
N VAL B 382 -31.96 21.08 24.60
CA VAL B 382 -32.70 22.14 25.28
C VAL B 382 -31.97 23.47 25.12
N PRO B 383 -32.55 24.44 24.39
CA PRO B 383 -31.90 25.76 24.28
C PRO B 383 -31.79 26.47 25.62
N ASP B 384 -30.72 27.25 25.76
CA ASP B 384 -30.48 28.04 26.96
C ASP B 384 -31.52 29.15 27.09
N ASP B 385 -31.90 29.45 28.34
CA ASP B 385 -32.96 30.42 28.59
C ASP B 385 -32.58 31.82 28.12
N ILE B 386 -31.33 32.21 28.31
CA ILE B 386 -30.91 33.57 27.99
C ILE B 386 -30.38 33.68 26.55
N ARG B 387 -29.74 32.63 26.05
CA ARG B 387 -29.16 32.61 24.70
C ARG B 387 -29.69 31.37 23.99
N PRO B 388 -30.88 31.46 23.39
CA PRO B 388 -31.50 30.27 22.78
C PRO B 388 -30.71 29.69 21.63
N PHE B 389 -29.78 30.45 21.04
CA PHE B 389 -28.94 29.94 19.96
C PHE B 389 -27.87 28.98 20.46
N TYR B 390 -27.71 28.82 21.77
CA TYR B 390 -26.85 27.80 22.35
C TYR B 390 -27.72 26.68 22.93
N ILE B 391 -27.33 25.44 22.68
CA ILE B 391 -28.16 24.28 22.99
C ILE B 391 -27.49 23.46 24.08
N HIS B 392 -28.19 23.26 25.19
CA HIS B 392 -27.68 22.44 26.29
C HIS B 392 -27.84 20.96 25.95
N PRO B 393 -26.80 20.14 26.17
CA PRO B 393 -27.03 18.69 26.24
C PRO B 393 -27.51 18.29 27.63
N VAL B 394 -28.81 18.10 27.78
CA VAL B 394 -29.41 17.84 29.08
C VAL B 394 -29.41 16.34 29.31
N MET B 395 -28.59 15.90 30.27
CA MET B 395 -28.46 14.48 30.58
C MET B 395 -29.69 13.95 31.31
N ASP B 396 -29.97 12.69 31.08
CA ASP B 396 -31.02 12.02 31.82
C ASP B 396 -30.66 12.03 33.30
N PRO B 397 -31.55 12.49 34.18
CA PRO B 397 -31.19 12.61 35.60
C PRO B 397 -30.70 11.31 36.22
N ASP B 398 -31.22 10.16 35.78
CA ASP B 398 -30.81 8.89 36.36
C ASP B 398 -29.33 8.60 36.14
N THR B 399 -28.70 9.22 35.14
CA THR B 399 -27.29 8.98 34.90
C THR B 399 -26.44 9.45 36.07
N TYR B 400 -26.42 10.76 36.33
CA TYR B 400 -25.57 11.29 37.39
C TYR B 400 -26.16 11.09 38.79
N GLU B 401 -27.48 10.89 38.91
CA GLU B 401 -28.05 10.63 40.22
C GLU B 401 -27.68 9.24 40.72
N GLN B 402 -27.78 8.23 39.85
CA GLN B 402 -27.38 6.88 40.24
C GLN B 402 -25.87 6.74 40.32
N SER B 403 -25.14 7.37 39.41
CA SER B 403 -23.69 7.20 39.36
C SER B 403 -23.00 7.77 40.60
N VAL B 404 -23.54 8.86 41.17
CA VAL B 404 -22.88 9.47 42.31
C VAL B 404 -22.94 8.58 43.55
N MET B 405 -23.88 7.64 43.59
CA MET B 405 -24.06 6.74 44.73
C MET B 405 -23.16 5.52 44.68
N TRP B 406 -22.35 5.38 43.64
CA TRP B 406 -21.45 4.23 43.52
C TRP B 406 -20.06 4.72 43.10
N LEU B 407 -19.05 3.99 43.55
CA LEU B 407 -17.67 4.38 43.31
C LEU B 407 -16.86 3.16 42.89
N ARG B 408 -15.84 3.42 42.07
CA ARG B 408 -14.92 2.39 41.65
C ARG B 408 -13.64 2.49 42.46
N ASP B 409 -12.50 2.41 41.77
CA ASP B 409 -11.21 2.54 42.42
C ASP B 409 -10.80 4.00 42.51
N GLY B 410 -11.53 4.86 41.84
CA GLY B 410 -11.11 6.22 41.96
C GLY B 410 -11.56 6.77 43.28
N ASP B 411 -11.79 8.06 43.18
CA ASP B 411 -11.74 8.98 44.31
C ASP B 411 -13.09 9.65 44.39
N PHE B 412 -13.64 9.84 45.57
CA PHE B 412 -15.03 10.23 45.56
C PHE B 412 -15.18 11.66 45.05
N GLN B 413 -14.24 12.54 45.43
CA GLN B 413 -14.30 13.92 44.99
C GLN B 413 -14.12 14.02 43.48
N ASP B 414 -13.25 13.17 42.89
CA ASP B 414 -13.08 13.22 41.43
C ASP B 414 -14.36 12.80 40.71
N LEU B 415 -15.09 11.85 41.28
CA LEU B 415 -16.36 11.44 40.68
C LEU B 415 -17.40 12.56 40.76
N VAL B 416 -17.47 13.24 41.91
CA VAL B 416 -18.44 14.31 42.07
C VAL B 416 -18.13 15.45 41.10
N THR B 417 -16.85 15.78 40.94
CA THR B 417 -16.48 16.89 40.06
C THR B 417 -16.85 16.58 38.61
N SER B 418 -16.57 15.36 38.15
CA SER B 418 -16.90 14.99 36.78
C SER B 418 -18.40 15.00 36.53
N LEU B 419 -19.19 14.60 37.53
CA LEU B 419 -20.64 14.62 37.37
C LEU B 419 -21.21 16.03 37.36
N CYS B 420 -20.51 17.00 37.96
CA CYS B 420 -20.98 18.37 37.91
C CYS B 420 -21.07 18.88 36.48
N TYR B 421 -20.15 18.43 35.62
CA TYR B 421 -20.16 18.86 34.22
C TYR B 421 -21.39 18.35 33.49
N LEU B 422 -21.94 17.21 33.93
CA LEU B 422 -23.17 16.70 33.34
C LEU B 422 -24.41 17.32 33.97
N ALA B 423 -24.43 17.46 35.30
CA ALA B 423 -25.65 17.84 35.99
C ALA B 423 -26.04 19.29 35.75
N PHE B 424 -25.07 20.18 35.54
CA PHE B 424 -25.38 21.60 35.53
C PHE B 424 -26.18 22.03 34.30
N HIS B 425 -26.21 21.21 33.24
CA HIS B 425 -26.97 21.56 32.05
C HIS B 425 -28.48 21.52 32.30
N SER B 426 -28.91 20.90 33.39
CA SER B 426 -30.34 20.84 33.71
C SER B 426 -30.88 22.17 34.23
N GLY B 427 -30.03 23.15 34.49
CA GLY B 427 -30.47 24.43 35.00
C GLY B 427 -30.06 24.66 36.44
N PRO B 428 -29.91 25.93 36.83
CA PRO B 428 -29.37 26.24 38.17
C PRO B 428 -30.20 25.68 39.32
N LYS B 429 -31.53 25.60 39.17
CA LYS B 429 -32.34 25.13 40.29
C LYS B 429 -32.23 23.61 40.45
N THR B 430 -32.31 22.87 39.35
CA THR B 430 -32.14 21.43 39.41
C THR B 430 -30.73 21.06 39.84
N TYR B 431 -29.73 21.87 39.45
CA TYR B 431 -28.36 21.57 39.81
C TYR B 431 -28.11 21.77 41.31
N ASP B 432 -28.64 22.86 41.88
CA ASP B 432 -28.48 23.08 43.31
C ASP B 432 -29.23 22.01 44.10
N ARG B 433 -30.36 21.55 43.55
CA ARG B 433 -31.07 20.41 44.10
C ARG B 433 -30.19 19.18 44.23
N TRP B 434 -29.48 18.86 43.16
CA TRP B 434 -28.64 17.67 43.16
C TRP B 434 -27.45 17.80 44.10
N CYS B 435 -26.80 18.98 44.12
CA CYS B 435 -25.68 19.18 45.01
C CYS B 435 -26.11 19.09 46.47
N THR B 436 -27.27 19.65 46.80
CA THR B 436 -27.75 19.66 48.18
C THR B 436 -28.05 18.24 48.66
N ARG B 437 -28.74 17.46 47.83
CA ARG B 437 -29.08 16.10 48.25
C ARG B 437 -27.84 15.21 48.37
N VAL B 438 -26.83 15.44 47.52
CA VAL B 438 -25.59 14.69 47.68
C VAL B 438 -24.84 15.16 48.92
N ARG B 439 -24.80 16.48 49.14
CA ARG B 439 -24.11 17.02 50.31
C ARG B 439 -24.77 16.56 51.60
N ASP B 440 -26.11 16.57 51.65
CA ASP B 440 -26.82 16.17 52.86
C ASP B 440 -26.59 14.70 53.17
N GLN B 441 -26.53 13.85 52.15
CA GLN B 441 -26.36 12.43 52.39
C GLN B 441 -24.94 12.12 52.85
N VAL B 442 -23.94 12.76 52.25
CA VAL B 442 -22.55 12.52 52.65
C VAL B 442 -22.32 12.98 54.08
N MET B 443 -22.99 14.06 54.52
CA MET B 443 -22.86 14.50 55.90
C MET B 443 -23.37 13.44 56.87
N LYS B 444 -24.46 12.76 56.50
CA LYS B 444 -24.98 11.69 57.35
C LYS B 444 -24.06 10.47 57.38
N THR B 445 -23.31 10.23 56.31
CA THR B 445 -22.55 8.99 56.18
C THR B 445 -21.11 9.12 56.66
N THR B 446 -20.37 10.11 56.16
CA THR B 446 -18.97 10.26 56.53
C THR B 446 -18.66 11.54 57.26
N GLY B 447 -19.50 12.57 57.17
CA GLY B 447 -19.18 13.83 57.81
C GLY B 447 -18.25 14.71 56.99
N PHE B 448 -17.89 14.31 55.77
CA PHE B 448 -16.90 15.03 54.96
C PHE B 448 -17.50 15.23 53.57
N PRO B 449 -18.35 16.24 53.41
CA PRO B 449 -19.02 16.44 52.11
C PRO B 449 -18.04 16.83 51.04
N PRO B 450 -18.28 16.43 49.79
CA PRO B 450 -17.48 16.94 48.67
C PRO B 450 -17.85 18.37 48.31
N THR B 451 -16.94 19.03 47.60
CA THR B 451 -17.21 20.34 47.05
C THR B 451 -17.77 20.20 45.63
N PHE B 452 -18.61 21.16 45.24
CA PHE B 452 -19.25 21.15 43.93
C PHE B 452 -18.84 22.38 43.14
N LEU B 453 -18.59 22.20 41.85
CA LEU B 453 -18.24 23.33 41.01
C LEU B 453 -19.43 24.27 40.91
N PRO B 454 -19.23 25.58 41.09
CA PRO B 454 -20.36 26.51 41.06
C PRO B 454 -21.02 26.55 39.69
N TYR B 455 -22.33 26.76 39.68
CA TYR B 455 -23.06 26.85 38.43
C TYR B 455 -22.54 28.00 37.56
N SER B 456 -22.21 29.12 38.20
CA SER B 456 -21.75 30.28 37.43
C SER B 456 -20.43 30.00 36.72
N TYR B 457 -19.57 29.18 37.33
CA TYR B 457 -18.32 28.81 36.66
C TYR B 457 -18.60 27.89 35.47
N LEU B 458 -19.41 26.87 35.68
CA LEU B 458 -19.68 25.91 34.61
C LEU B 458 -20.41 26.56 33.45
N GLN B 459 -21.34 27.48 33.74
CA GLN B 459 -22.04 28.17 32.67
C GLN B 459 -21.11 29.13 31.93
N THR B 460 -20.23 29.81 32.66
CA THR B 460 -19.29 30.72 32.03
C THR B 460 -18.32 29.97 31.13
N ARG B 461 -17.82 28.83 31.59
CA ARG B 461 -16.93 28.03 30.75
C ARG B 461 -17.66 27.50 29.52
N TRP B 462 -18.94 27.16 29.67
CA TRP B 462 -19.69 26.61 28.56
C TRP B 462 -19.97 27.66 27.50
N LEU B 463 -20.34 28.88 27.91
CA LEU B 463 -20.60 29.93 26.93
C LEU B 463 -19.33 30.34 26.20
N ASN B 464 -18.21 30.40 26.90
CA ASN B 464 -16.94 30.73 26.24
C ASN B 464 -16.52 29.63 25.29
N LEU B 465 -16.83 28.37 25.61
CA LEU B 465 -16.48 27.27 24.71
C LEU B 465 -17.28 27.33 23.42
N LEU B 466 -18.50 27.88 23.48
CA LEU B 466 -19.34 27.98 22.29
C LEU B 466 -19.02 29.22 21.46
N ALA B 467 -18.51 30.27 22.09
CA ALA B 467 -18.21 31.52 21.39
C ALA B 467 -16.85 31.50 20.70
N ALA B 468 -16.03 30.49 20.96
CA ALA B 468 -14.67 30.43 20.42
C ALA B 468 -14.68 30.28 18.91
#